data_8SNC
#
_entry.id   8SNC
#
_cell.length_a   1.00
_cell.length_b   1.00
_cell.length_c   1.00
_cell.angle_alpha   90.00
_cell.angle_beta   90.00
_cell.angle_gamma   90.00
#
_symmetry.space_group_name_H-M   'P 1'
#
loop_
_entity.id
_entity.type
_entity.pdbx_description
1 polymer 'Hyaluronan synthase'
2 polymer 'Nanobody 872'
3 polymer 'Nanobody 881'
4 branched 'beta-D-glucopyranuronic acid-(1-3)-2-acetamido-2-deoxy-beta-D-glucopyranose'
5 non-polymer 'CHOLESTEROL HEMISUCCINATE'
6 non-polymer 'MANGANESE (II) ION'
7 water water
#
loop_
_entity_poly.entity_id
_entity_poly.type
_entity_poly.pdbx_seq_one_letter_code
_entity_poly.pdbx_strand_id
1 'polypeptide(L)'
;MGTSWRTIVSANLFAVGGALLMLAPAIVGYVFQWNIGVSAVWGISVYGVFVLGFYIAQIVFSEFNRMRLSDWISLRPDNW
NATRVAVIIAGYREDPFMFKKCLESVRDSEYGNVARLICVIDGDEEEDLKMAEIYKQVYNDNVKKPGVVLCESENKNGST
IDSDVSKNICILQPHRGKRESLYTGFQLASMDPSVHAVVLIDSDTVLEKNAILEVVYPLSCDPNIKAVAGECKIWNTDTI
LSMLVSWRYFSAFNVERGAQSLWKTVQCVGGPLGAYTIDIINEIKDPWITQTFLGNKCTYGDDRRLTNEVLMRGKKIVYT
PFAVGWSDSPTNVMRYIVQQTRWSKSWCREIWYTLGSAWKHGFSGIYLAFECMYQIMYFFLVMYLFSYIAIKADIRAQTA
TVLVSTLVTIIKSSYLALRAKNLKAFYFVLYTYVYFFCMIPARITAMFTMFDIAWGTRGGNAKMTIGARVWLWAKQFLIT
YMWWAGVLAAGVYSIVDNWYFDWADIQYRFALVGICSYLVFVSIVLVIYLIGKITTWNYTPLQKELIEERYLHNASENAP
EVLEHHHHHHHHHH
;
A
2 'polypeptide(L)'
;QVQLVESGGGLVQAGGSLKVSCAASGRAFKTYRMAWFRQAPGKEREFVSGISALETTYYADSVKGRFTISRDNTKNTVSL
QMDSLKPEDTAVYYCAARRYGGTDYTTTGSYDYWGQGTQVTVSSHHHHHHEPEA
;
B
3 'polypeptide(L)'
;QVQLVESGGGLVQAGGSLRLACAASGRIFSSDTLAWFRRAPGKEREFVAASRWSGGGTDYDSVKGRFTFSRDNTFNTMCL
EMNSLKPEDTAVYYCALRTARDSYYYTRNPTGYDYWGQGTQVTVSSHHHHHHEPEA
;
C
#
# COMPACT_ATOMS: atom_id res chain seq x y z
N SER A 39 -3.66 30.60 12.79
CA SER A 39 -4.25 29.87 11.68
C SER A 39 -3.32 28.75 11.20
N ALA A 40 -2.09 29.12 10.87
CA ALA A 40 -1.10 28.12 10.44
C ALA A 40 -0.76 27.15 11.56
N VAL A 41 -0.61 27.67 12.79
CA VAL A 41 -0.31 26.80 13.92
C VAL A 41 -1.48 25.84 14.18
N TRP A 42 -2.71 26.35 14.14
CA TRP A 42 -3.86 25.48 14.31
C TRP A 42 -3.98 24.48 13.17
N GLY A 43 -3.67 24.89 11.94
CA GLY A 43 -3.73 23.96 10.83
C GLY A 43 -2.74 22.82 10.96
N ILE A 44 -1.48 23.14 11.30
CA ILE A 44 -0.48 22.11 11.47
C ILE A 44 -0.67 21.31 12.76
N SER A 45 -1.44 21.84 13.72
CA SER A 45 -1.77 21.05 14.90
C SER A 45 -2.90 20.08 14.60
N VAL A 46 -3.89 20.50 13.80
CA VAL A 46 -4.94 19.58 13.38
C VAL A 46 -4.36 18.49 12.50
N TYR A 47 -3.50 18.87 11.54
CA TYR A 47 -2.79 17.88 10.74
C TYR A 47 -1.70 17.24 11.59
N GLY A 48 -2.02 16.11 12.20
CA GLY A 48 -1.15 15.50 13.19
C GLY A 48 -1.98 14.90 14.32
N VAL A 49 -3.18 15.43 14.50
CA VAL A 49 -4.20 14.79 15.32
C VAL A 49 -5.35 14.26 14.50
N PHE A 50 -5.60 14.82 13.32
CA PHE A 50 -6.62 14.31 12.41
C PHE A 50 -6.10 13.23 11.50
N VAL A 51 -4.78 13.09 11.38
CA VAL A 51 -4.17 12.08 10.51
C VAL A 51 -3.52 10.98 11.33
N LEU A 52 -2.79 11.34 12.37
CA LEU A 52 -2.20 10.33 13.25
C LEU A 52 -3.24 9.72 14.18
N GLY A 53 -4.23 10.50 14.60
CA GLY A 53 -5.26 9.95 15.47
C GLY A 53 -6.09 8.88 14.81
N PHE A 54 -6.53 9.13 13.57
CA PHE A 54 -7.29 8.11 12.86
C PHE A 54 -6.43 6.91 12.50
N TYR A 55 -5.12 7.12 12.29
CA TYR A 55 -4.26 5.98 12.04
C TYR A 55 -4.08 5.14 13.30
N ILE A 56 -4.04 5.77 14.47
CA ILE A 56 -4.00 5.01 15.72
C ILE A 56 -5.29 4.23 15.91
N ALA A 57 -6.43 4.86 15.58
CA ALA A 57 -7.71 4.15 15.66
C ALA A 57 -7.74 2.96 14.70
N GLN A 58 -7.22 3.14 13.49
CA GLN A 58 -7.16 2.05 12.53
C GLN A 58 -6.23 0.94 13.00
N ILE A 59 -5.12 1.31 13.63
CA ILE A 59 -4.20 0.30 14.18
C ILE A 59 -4.89 -0.52 15.26
N VAL A 60 -5.62 0.15 16.16
CA VAL A 60 -6.32 -0.56 17.22
C VAL A 60 -7.38 -1.49 16.64
N PHE A 61 -8.16 -0.99 15.68
CA PHE A 61 -9.19 -1.82 15.06
C PHE A 61 -8.57 -3.01 14.33
N SER A 62 -7.45 -2.80 13.64
CA SER A 62 -6.79 -3.89 12.95
C SER A 62 -6.26 -4.93 13.92
N GLU A 63 -5.72 -4.49 15.05
CA GLU A 63 -5.26 -5.44 16.06
C GLU A 63 -6.42 -6.26 16.60
N PHE A 64 -7.56 -5.62 16.85
CA PHE A 64 -8.72 -6.36 17.31
C PHE A 64 -9.22 -7.35 16.26
N ASN A 65 -9.21 -6.95 15.00
CA ASN A 65 -9.61 -7.85 13.92
C ASN A 65 -8.68 -9.05 13.82
N ARG A 66 -7.37 -8.81 13.93
CA ARG A 66 -6.41 -9.90 13.87
C ARG A 66 -6.59 -10.84 15.07
N MET A 67 -6.87 -10.28 16.25
CA MET A 67 -7.15 -11.13 17.40
C MET A 67 -8.39 -11.99 17.17
N ARG A 68 -9.44 -11.41 16.58
CA ARG A 68 -10.65 -12.18 16.30
C ARG A 68 -10.36 -13.31 15.31
N LEU A 69 -9.59 -13.01 14.26
CA LEU A 69 -9.26 -14.03 13.28
C LEU A 69 -8.38 -15.12 13.87
N SER A 70 -7.45 -14.75 14.76
CA SER A 70 -6.64 -15.77 15.42
C SER A 70 -7.50 -16.66 16.31
N ASP A 71 -8.48 -16.06 17.00
CA ASP A 71 -9.39 -16.85 17.80
C ASP A 71 -10.22 -17.80 16.94
N TRP A 72 -10.66 -17.33 15.77
CA TRP A 72 -11.37 -18.22 14.85
C TRP A 72 -10.48 -19.36 14.36
N ILE A 73 -9.23 -19.05 14.00
CA ILE A 73 -8.33 -20.05 13.46
C ILE A 73 -7.97 -21.09 14.51
N SER A 74 -7.84 -20.67 15.77
CA SER A 74 -7.50 -21.62 16.83
C SER A 74 -8.56 -22.70 17.00
N LEU A 75 -9.78 -22.47 16.51
CA LEU A 75 -10.84 -23.47 16.53
C LEU A 75 -10.86 -24.34 15.29
N ARG A 76 -9.98 -24.09 14.32
CA ARG A 76 -9.97 -24.86 13.09
C ARG A 76 -9.36 -26.24 13.34
N PRO A 77 -10.06 -27.32 13.05
CA PRO A 77 -9.48 -28.65 13.23
C PRO A 77 -8.39 -28.91 12.19
N ASP A 78 -7.55 -29.90 12.49
CA ASP A 78 -6.48 -30.25 11.58
C ASP A 78 -7.04 -30.77 10.26
N ASN A 79 -6.30 -30.52 9.18
CA ASN A 79 -6.63 -30.98 7.82
C ASN A 79 -8.05 -30.57 7.40
N TRP A 80 -8.55 -29.47 7.98
CA TRP A 80 -9.91 -29.02 7.68
C TRP A 80 -10.07 -28.70 6.20
N ASN A 81 -11.15 -29.21 5.60
CA ASN A 81 -11.55 -28.82 4.25
C ASN A 81 -13.02 -29.14 4.10
N ALA A 82 -13.86 -28.10 4.01
CA ALA A 82 -15.29 -28.29 3.89
C ALA A 82 -15.95 -27.34 2.89
N THR A 83 -15.17 -26.55 2.16
CA THR A 83 -15.71 -25.57 1.22
C THR A 83 -15.04 -25.81 -0.14
N ARG A 84 -15.73 -26.52 -1.03
CA ARG A 84 -15.21 -26.74 -2.37
C ARG A 84 -15.01 -25.40 -3.07
N VAL A 85 -13.82 -25.18 -3.60
CA VAL A 85 -13.49 -23.94 -4.27
C VAL A 85 -13.24 -24.22 -5.74
N ALA A 86 -13.26 -23.14 -6.54
CA ALA A 86 -12.98 -23.20 -7.97
C ALA A 86 -12.09 -22.00 -8.30
N VAL A 87 -10.78 -22.23 -8.29
CA VAL A 87 -9.82 -21.15 -8.47
C VAL A 87 -9.98 -20.56 -9.87
N ILE A 88 -10.08 -19.23 -9.94
CA ILE A 88 -10.31 -18.52 -11.20
C ILE A 88 -9.12 -17.60 -11.45
N ILE A 89 -8.50 -17.74 -12.61
CA ILE A 89 -7.39 -16.90 -13.03
C ILE A 89 -7.77 -16.20 -14.32
N ALA A 90 -7.69 -14.88 -14.34
CA ALA A 90 -8.04 -14.08 -15.51
C ALA A 90 -6.88 -13.17 -15.86
N GLY A 91 -6.37 -13.30 -17.09
CA GLY A 91 -5.27 -12.49 -17.55
C GLY A 91 -5.39 -12.21 -19.03
N TYR A 92 -4.67 -11.18 -19.47
CA TYR A 92 -4.70 -10.75 -20.86
C TYR A 92 -3.37 -11.00 -21.58
N ARG A 93 -2.29 -10.42 -21.07
CA ARG A 93 -0.96 -10.62 -21.68
C ARG A 93 0.05 -10.55 -20.54
N GLU A 94 0.39 -11.72 -20.00
CA GLU A 94 1.31 -11.83 -18.87
C GLU A 94 2.62 -12.42 -19.34
N ASP A 95 3.67 -12.17 -18.57
CA ASP A 95 4.95 -12.81 -18.83
C ASP A 95 4.77 -14.32 -18.74
N PRO A 96 5.24 -15.09 -19.71
CA PRO A 96 5.11 -16.55 -19.60
C PRO A 96 5.74 -17.12 -18.34
N PHE A 97 6.85 -16.54 -17.89
CA PHE A 97 7.47 -17.00 -16.65
C PHE A 97 6.58 -16.70 -15.45
N MET A 98 6.06 -15.47 -15.37
CA MET A 98 5.20 -15.11 -14.24
C MET A 98 3.90 -15.90 -14.25
N PHE A 99 3.32 -16.11 -15.45
CA PHE A 99 2.12 -16.92 -15.55
C PHE A 99 2.37 -18.36 -15.11
N LYS A 100 3.51 -18.92 -15.52
CA LYS A 100 3.86 -20.26 -15.09
C LYS A 100 4.05 -20.32 -13.58
N LYS A 101 4.67 -19.29 -13.00
CA LYS A 101 4.85 -19.25 -11.55
C LYS A 101 3.51 -19.20 -10.84
N CYS A 102 2.57 -18.39 -11.35
CA CYS A 102 1.25 -18.31 -10.73
C CYS A 102 0.52 -19.64 -10.83
N LEU A 103 0.58 -20.29 -11.99
CA LEU A 103 -0.10 -21.57 -12.16
C LEU A 103 0.51 -22.64 -11.24
N GLU A 104 1.83 -22.68 -11.14
CA GLU A 104 2.47 -23.66 -10.26
C GLU A 104 2.17 -23.35 -8.79
N SER A 105 2.08 -22.07 -8.43
CA SER A 105 1.73 -21.72 -7.06
C SER A 105 0.31 -22.15 -6.73
N VAL A 106 -0.61 -22.00 -7.69
CA VAL A 106 -1.97 -22.50 -7.49
C VAL A 106 -1.96 -24.02 -7.34
N ARG A 107 -1.17 -24.70 -8.17
CA ARG A 107 -1.07 -26.15 -8.08
C ARG A 107 -0.36 -26.61 -6.81
N ASP A 108 0.38 -25.72 -6.15
CA ASP A 108 1.09 -26.06 -4.93
C ASP A 108 0.27 -25.83 -3.68
N SER A 109 -0.95 -25.31 -3.81
CA SER A 109 -1.78 -25.04 -2.63
C SER A 109 -2.09 -26.32 -1.89
N GLU A 110 -2.10 -26.25 -0.57
CA GLU A 110 -2.31 -27.42 0.28
C GLU A 110 -3.77 -27.68 0.60
N TYR A 111 -4.68 -26.82 0.14
CA TYR A 111 -6.09 -27.04 0.40
C TYR A 111 -6.56 -28.32 -0.28
N GLY A 112 -7.24 -29.17 0.48
CA GLY A 112 -7.63 -30.49 0.01
C GLY A 112 -8.97 -30.57 -0.69
N ASN A 113 -9.65 -29.45 -0.92
CA ASN A 113 -10.96 -29.42 -1.56
C ASN A 113 -10.96 -28.32 -2.62
N VAL A 114 -10.51 -28.65 -3.82
CA VAL A 114 -10.53 -27.75 -4.96
C VAL A 114 -11.24 -28.47 -6.10
N ALA A 115 -12.15 -27.76 -6.78
CA ALA A 115 -12.90 -28.38 -7.85
C ALA A 115 -12.12 -28.38 -9.16
N ARG A 116 -11.64 -27.22 -9.58
CA ARG A 116 -10.96 -27.09 -10.86
C ARG A 116 -10.11 -25.82 -10.84
N LEU A 117 -9.60 -25.45 -12.01
CA LEU A 117 -8.76 -24.28 -12.21
C LEU A 117 -9.23 -23.51 -13.44
N ILE A 118 -10.51 -23.13 -13.45
CA ILE A 118 -11.05 -22.32 -14.54
C ILE A 118 -10.14 -21.13 -14.75
N CYS A 119 -9.53 -21.04 -15.94
CA CYS A 119 -8.59 -19.98 -16.28
C CYS A 119 -9.04 -19.34 -17.58
N VAL A 120 -9.52 -18.11 -17.50
CA VAL A 120 -10.07 -17.40 -18.65
C VAL A 120 -9.02 -16.43 -19.17
N ILE A 121 -8.79 -16.45 -20.47
CA ILE A 121 -7.78 -15.63 -21.12
C ILE A 121 -8.45 -14.81 -22.21
N ASP A 122 -8.23 -13.50 -22.18
CA ASP A 122 -8.82 -12.59 -23.16
C ASP A 122 -8.00 -12.59 -24.45
N GLY A 123 -7.89 -13.76 -25.06
CA GLY A 123 -7.02 -13.94 -26.20
C GLY A 123 -7.68 -14.23 -27.53
N ASP A 124 -7.65 -15.50 -27.93
CA ASP A 124 -8.09 -15.93 -29.26
C ASP A 124 -7.31 -15.24 -30.37
N GLU A 125 -6.01 -15.04 -30.12
CA GLU A 125 -5.13 -14.43 -31.10
C GLU A 125 -3.79 -15.15 -31.10
N GLU A 126 -3.03 -14.98 -32.18
CA GLU A 126 -1.75 -15.67 -32.31
C GLU A 126 -0.76 -15.24 -31.24
N GLU A 127 -0.71 -13.94 -30.95
CA GLU A 127 0.26 -13.45 -29.96
C GLU A 127 -0.12 -13.92 -28.56
N ASP A 128 -1.42 -14.06 -28.28
CA ASP A 128 -1.85 -14.47 -26.96
C ASP A 128 -1.84 -16.00 -26.79
N LEU A 129 -2.02 -16.74 -27.89
CA LEU A 129 -2.04 -18.19 -27.80
C LEU A 129 -0.81 -18.73 -27.10
N LYS A 130 0.36 -18.12 -27.35
CA LYS A 130 1.59 -18.55 -26.69
C LYS A 130 1.43 -18.60 -25.18
N MET A 131 0.80 -17.57 -24.61
CA MET A 131 0.58 -17.56 -23.17
C MET A 131 -0.27 -18.73 -22.73
N ALA A 132 -1.34 -19.04 -23.49
CA ALA A 132 -2.14 -20.22 -23.17
C ALA A 132 -1.30 -21.49 -23.23
N GLU A 133 -0.29 -21.55 -24.09
CA GLU A 133 0.60 -22.69 -24.13
C GLU A 133 1.24 -22.96 -22.78
N ILE A 134 1.55 -21.91 -22.02
CA ILE A 134 2.09 -22.09 -20.68
C ILE A 134 1.15 -22.97 -19.86
N TYR A 135 -0.14 -22.67 -19.88
CA TYR A 135 -1.12 -23.50 -19.19
C TYR A 135 -1.02 -24.95 -19.65
N LYS A 136 -0.89 -25.15 -20.97
CA LYS A 136 -0.86 -26.52 -21.49
C LYS A 136 0.35 -27.29 -20.99
N GLN A 137 1.41 -26.59 -20.58
CA GLN A 137 2.59 -27.27 -20.07
C GLN A 137 2.62 -27.35 -18.55
N VAL A 138 1.61 -26.80 -17.88
CA VAL A 138 1.51 -26.89 -16.44
C VAL A 138 0.37 -27.80 -16.00
N TYR A 139 -0.79 -27.71 -16.67
CA TYR A 139 -1.94 -28.52 -16.28
C TYR A 139 -2.34 -29.54 -17.34
N ASN A 140 -2.73 -29.09 -18.54
CA ASN A 140 -3.25 -30.03 -19.53
C ASN A 140 -3.58 -29.28 -20.81
N ASP A 141 -3.83 -30.04 -21.86
CA ASP A 141 -4.26 -29.50 -23.15
C ASP A 141 -5.78 -29.41 -23.29
N ASN A 142 -6.47 -28.99 -22.24
CA ASN A 142 -7.92 -28.84 -22.26
C ASN A 142 -8.35 -27.40 -22.54
N VAL A 143 -7.54 -26.66 -23.31
CA VAL A 143 -7.92 -25.31 -23.67
C VAL A 143 -9.10 -25.33 -24.63
N LYS A 144 -10.05 -24.43 -24.41
CA LYS A 144 -11.24 -24.30 -25.22
C LYS A 144 -11.22 -22.97 -25.95
N LYS A 145 -11.79 -22.95 -27.16
CA LYS A 145 -11.82 -21.76 -28.00
C LYS A 145 -13.25 -21.49 -28.44
N PRO A 146 -14.10 -21.04 -27.52
CA PRO A 146 -15.46 -20.64 -27.93
C PRO A 146 -15.42 -19.41 -28.81
N GLY A 147 -16.36 -19.34 -29.75
CA GLY A 147 -16.41 -18.22 -30.66
C GLY A 147 -16.98 -16.95 -30.09
N VAL A 148 -17.65 -17.02 -28.93
CA VAL A 148 -18.35 -15.88 -28.36
C VAL A 148 -18.02 -15.77 -26.88
N VAL A 149 -18.14 -14.54 -26.37
CA VAL A 149 -18.02 -14.29 -24.94
C VAL A 149 -19.35 -14.62 -24.27
N LEU A 150 -19.29 -15.23 -23.09
CA LEU A 150 -20.51 -15.73 -22.45
C LEU A 150 -21.47 -14.59 -22.11
N CYS A 151 -20.96 -13.51 -21.52
CA CYS A 151 -21.84 -12.42 -21.09
C CYS A 151 -22.46 -11.67 -22.26
N GLU A 152 -21.86 -11.76 -23.45
CA GLU A 152 -22.41 -11.13 -24.65
C GLU A 152 -23.16 -12.13 -25.52
N SER A 153 -23.68 -13.19 -24.91
CA SER A 153 -24.40 -14.23 -25.64
C SER A 153 -25.82 -14.33 -25.10
N GLU A 154 -26.73 -14.81 -25.96
CA GLU A 154 -28.12 -14.93 -25.57
C GLU A 154 -28.29 -15.93 -24.42
N ASN A 155 -27.64 -17.08 -24.52
CA ASN A 155 -27.66 -18.08 -23.45
C ASN A 155 -26.35 -17.95 -22.67
N LYS A 156 -26.34 -16.99 -21.73
CA LYS A 156 -25.16 -16.74 -20.90
C LYS A 156 -25.10 -17.80 -19.80
N ASN A 157 -24.94 -19.04 -20.22
CA ASN A 157 -24.84 -20.18 -19.32
C ASN A 157 -23.53 -20.92 -19.59
N GLY A 158 -23.04 -21.61 -18.57
CA GLY A 158 -21.76 -22.29 -18.70
C GLY A 158 -21.79 -23.50 -19.61
N SER A 159 -22.96 -24.11 -19.81
CA SER A 159 -23.03 -25.34 -20.59
C SER A 159 -22.76 -25.11 -22.07
N THR A 160 -22.77 -23.86 -22.52
CA THR A 160 -22.50 -23.60 -23.94
C THR A 160 -21.04 -23.87 -24.28
N ILE A 161 -20.13 -23.57 -23.37
CA ILE A 161 -18.70 -23.76 -23.62
C ILE A 161 -18.24 -25.12 -23.11
N ASP A 162 -18.38 -25.34 -21.80
CA ASP A 162 -17.86 -26.55 -21.17
C ASP A 162 -18.92 -27.63 -21.09
N SER A 163 -18.49 -28.86 -21.34
CA SER A 163 -19.34 -30.04 -21.19
C SER A 163 -18.96 -30.92 -20.02
N ASP A 164 -17.69 -30.96 -19.63
CA ASP A 164 -17.22 -31.75 -18.51
C ASP A 164 -16.79 -30.82 -17.39
N VAL A 165 -17.40 -31.00 -16.21
CA VAL A 165 -17.14 -30.11 -15.08
C VAL A 165 -16.03 -30.60 -14.16
N SER A 166 -15.49 -31.80 -14.41
CA SER A 166 -14.50 -32.40 -13.53
C SER A 166 -13.09 -32.32 -14.10
N LYS A 167 -12.80 -31.27 -14.87
CA LYS A 167 -11.48 -31.13 -15.48
C LYS A 167 -11.10 -29.66 -15.53
N ASN A 168 -9.83 -29.37 -15.29
CA ASN A 168 -9.35 -28.00 -15.39
C ASN A 168 -9.49 -27.52 -16.83
N ILE A 169 -9.92 -26.26 -16.98
CA ILE A 169 -10.25 -25.71 -18.29
C ILE A 169 -9.59 -24.36 -18.45
N CYS A 170 -9.10 -24.10 -19.67
CA CYS A 170 -8.56 -22.79 -20.04
C CYS A 170 -9.41 -22.23 -21.18
N ILE A 171 -9.88 -21.01 -21.01
CA ILE A 171 -10.86 -20.43 -21.92
C ILE A 171 -10.18 -19.33 -22.72
N LEU A 172 -10.09 -19.51 -24.03
CA LEU A 172 -9.50 -18.52 -24.92
C LEU A 172 -10.58 -17.69 -25.60
N GLN A 173 -11.33 -16.95 -24.80
CA GLN A 173 -12.42 -16.14 -25.31
C GLN A 173 -11.90 -14.86 -25.93
N PRO A 174 -12.67 -14.23 -26.81
CA PRO A 174 -12.24 -12.98 -27.44
C PRO A 174 -12.00 -11.89 -26.41
N HIS A 175 -11.04 -11.01 -26.73
CA HIS A 175 -10.64 -9.95 -25.82
C HIS A 175 -11.75 -8.92 -25.69
N ARG A 176 -12.29 -8.77 -24.48
CA ARG A 176 -13.27 -7.74 -24.19
C ARG A 176 -13.02 -7.01 -22.88
N GLY A 177 -12.14 -7.51 -22.02
CA GLY A 177 -11.85 -6.90 -20.74
C GLY A 177 -11.61 -7.94 -19.67
N LYS A 178 -11.39 -7.44 -18.45
CA LYS A 178 -11.24 -8.35 -17.32
C LYS A 178 -12.58 -8.78 -16.75
N ARG A 179 -13.57 -7.87 -16.77
CA ARG A 179 -14.89 -8.21 -16.24
C ARG A 179 -15.53 -9.34 -17.03
N GLU A 180 -15.37 -9.33 -18.36
CA GLU A 180 -15.95 -10.38 -19.18
C GLU A 180 -15.33 -11.73 -18.88
N SER A 181 -14.00 -11.78 -18.76
CA SER A 181 -13.33 -13.04 -18.45
C SER A 181 -13.69 -13.53 -17.05
N LEU A 182 -13.76 -12.61 -16.09
CA LEU A 182 -14.17 -13.01 -14.74
C LEU A 182 -15.59 -13.53 -14.74
N TYR A 183 -16.47 -12.95 -15.56
CA TYR A 183 -17.84 -13.45 -15.64
C TYR A 183 -17.89 -14.83 -16.26
N THR A 184 -17.07 -15.09 -17.29
CA THR A 184 -17.00 -16.42 -17.86
C THR A 184 -16.51 -17.43 -16.83
N GLY A 185 -15.51 -17.05 -16.04
CA GLY A 185 -15.07 -17.90 -14.95
C GLY A 185 -16.17 -18.15 -13.93
N PHE A 186 -16.94 -17.10 -13.61
CA PHE A 186 -18.04 -17.25 -12.66
C PHE A 186 -19.06 -18.25 -13.17
N GLN A 187 -19.40 -18.16 -14.46
CA GLN A 187 -20.36 -19.11 -15.03
C GLN A 187 -19.82 -20.52 -15.01
N LEU A 188 -18.55 -20.70 -15.39
CA LEU A 188 -17.98 -22.05 -15.41
C LEU A 188 -17.90 -22.63 -14.00
N ALA A 189 -17.67 -21.78 -12.99
CA ALA A 189 -17.67 -22.27 -11.61
C ALA A 189 -19.08 -22.59 -11.13
N SER A 190 -20.04 -21.73 -11.42
CA SER A 190 -21.42 -21.95 -11.02
C SER A 190 -22.04 -23.15 -11.73
N MET A 191 -21.44 -23.60 -12.83
CA MET A 191 -21.89 -24.84 -13.46
C MET A 191 -21.91 -25.98 -12.46
N ASP A 192 -20.87 -26.12 -11.66
CA ASP A 192 -20.75 -27.23 -10.72
C ASP A 192 -21.72 -27.04 -9.55
N PRO A 193 -22.62 -27.99 -9.28
CA PRO A 193 -23.52 -27.85 -8.14
C PRO A 193 -22.84 -28.08 -6.80
N SER A 194 -21.61 -28.61 -6.79
CA SER A 194 -20.91 -28.91 -5.54
C SER A 194 -19.92 -27.84 -5.14
N VAL A 195 -19.88 -26.71 -5.85
CA VAL A 195 -18.94 -25.65 -5.53
C VAL A 195 -19.61 -24.66 -4.58
N HIS A 196 -18.95 -24.37 -3.46
CA HIS A 196 -19.47 -23.44 -2.47
C HIS A 196 -18.74 -22.09 -2.44
N ALA A 197 -17.56 -22.00 -3.04
CA ALA A 197 -16.80 -20.77 -3.01
C ALA A 197 -15.98 -20.65 -4.28
N VAL A 198 -15.54 -19.43 -4.57
CA VAL A 198 -14.76 -19.12 -5.77
C VAL A 198 -13.59 -18.23 -5.34
N VAL A 199 -12.38 -18.63 -5.71
CA VAL A 199 -11.17 -17.88 -5.36
C VAL A 199 -10.68 -17.17 -6.61
N LEU A 200 -10.66 -15.84 -6.55
CA LEU A 200 -10.20 -15.00 -7.64
C LEU A 200 -8.75 -14.61 -7.41
N ILE A 201 -7.92 -14.84 -8.42
CA ILE A 201 -6.49 -14.60 -8.37
C ILE A 201 -6.08 -13.90 -9.66
N ASP A 202 -5.18 -12.93 -9.56
CA ASP A 202 -4.68 -12.26 -10.74
C ASP A 202 -3.81 -13.21 -11.55
N SER A 203 -3.40 -12.75 -12.73
CA SER A 203 -2.63 -13.62 -13.63
C SER A 203 -1.21 -13.86 -13.13
N ASP A 204 -0.62 -12.87 -12.45
CA ASP A 204 0.78 -12.93 -12.03
C ASP A 204 0.92 -12.92 -10.52
N THR A 205 0.04 -13.63 -9.81
CA THR A 205 0.06 -13.69 -8.36
C THR A 205 0.68 -15.01 -7.92
N VAL A 206 1.82 -14.94 -7.24
CA VAL A 206 2.51 -16.11 -6.74
C VAL A 206 1.93 -16.41 -5.35
N LEU A 207 0.96 -17.31 -5.31
CA LEU A 207 0.30 -17.65 -4.05
C LEU A 207 1.25 -18.35 -3.09
N GLU A 208 0.99 -18.19 -1.81
CA GLU A 208 1.65 -18.99 -0.79
C GLU A 208 1.00 -20.36 -0.72
N LYS A 209 1.62 -21.27 0.04
CA LYS A 209 1.11 -22.63 0.12
C LYS A 209 -0.27 -22.67 0.76
N ASN A 210 -0.41 -22.09 1.94
CA ASN A 210 -1.71 -21.97 2.59
C ASN A 210 -2.38 -20.63 2.28
N ALA A 211 -2.45 -20.30 0.99
CA ALA A 211 -3.09 -19.08 0.54
C ALA A 211 -4.47 -19.33 -0.05
N ILE A 212 -4.96 -20.57 0.02
CA ILE A 212 -6.33 -20.91 -0.34
C ILE A 212 -7.14 -21.35 0.87
N LEU A 213 -6.50 -22.08 1.79
CA LEU A 213 -7.18 -22.48 3.02
C LEU A 213 -7.52 -21.28 3.87
N GLU A 214 -6.65 -20.27 3.91
CA GLU A 214 -6.87 -19.12 4.78
C GLU A 214 -7.71 -18.03 4.14
N VAL A 215 -8.01 -18.10 2.86
CA VAL A 215 -8.96 -17.17 2.25
C VAL A 215 -10.38 -17.67 2.38
N VAL A 216 -10.59 -18.98 2.18
CA VAL A 216 -11.94 -19.54 2.18
C VAL A 216 -12.41 -20.00 3.54
N TYR A 217 -11.54 -20.01 4.55
CA TYR A 217 -11.99 -20.39 5.89
C TYR A 217 -12.99 -19.40 6.48
N PRO A 218 -12.74 -18.09 6.48
CA PRO A 218 -13.69 -17.18 7.13
C PRO A 218 -15.08 -17.21 6.52
N LEU A 219 -15.23 -17.68 5.28
CA LEU A 219 -16.56 -17.79 4.69
C LEU A 219 -17.46 -18.73 5.49
N SER A 220 -16.87 -19.71 6.17
CA SER A 220 -17.63 -20.63 7.01
C SER A 220 -17.64 -20.25 8.48
N CYS A 221 -16.94 -19.18 8.86
CA CYS A 221 -16.91 -18.78 10.26
C CYS A 221 -18.21 -18.10 10.67
N ASP A 222 -18.76 -17.25 9.81
CA ASP A 222 -19.99 -16.53 10.11
C ASP A 222 -20.94 -16.63 8.92
N PRO A 223 -22.23 -16.89 9.17
CA PRO A 223 -23.19 -16.92 8.07
C PRO A 223 -23.33 -15.58 7.36
N ASN A 224 -23.03 -14.48 8.05
CA ASN A 224 -23.14 -13.16 7.42
C ASN A 224 -21.98 -12.87 6.47
N ILE A 225 -20.84 -13.52 6.66
CA ILE A 225 -19.68 -13.27 5.80
C ILE A 225 -19.90 -13.95 4.46
N LYS A 226 -19.82 -13.16 3.39
CA LYS A 226 -20.01 -13.68 2.05
C LYS A 226 -18.82 -13.43 1.12
N ALA A 227 -17.78 -12.76 1.61
CA ALA A 227 -16.58 -12.53 0.82
C ALA A 227 -15.41 -12.29 1.75
N VAL A 228 -14.24 -12.71 1.31
CA VAL A 228 -13.01 -12.59 2.09
C VAL A 228 -11.93 -12.00 1.18
N ALA A 229 -11.19 -11.03 1.69
CA ALA A 229 -10.10 -10.42 0.96
C ALA A 229 -8.78 -10.82 1.60
N GLY A 230 -7.90 -11.42 0.81
CA GLY A 230 -6.59 -11.80 1.31
C GLY A 230 -5.58 -10.70 1.15
N GLU A 231 -4.41 -10.90 1.76
CA GLU A 231 -3.35 -9.91 1.69
C GLU A 231 -2.53 -10.07 0.41
N CYS A 232 -2.20 -8.95 -0.21
CA CYS A 232 -1.34 -8.92 -1.38
C CYS A 232 -0.07 -8.17 -1.03
N LYS A 233 1.07 -8.82 -1.18
CA LYS A 233 2.36 -8.24 -0.85
C LYS A 233 3.18 -8.09 -2.13
N ILE A 234 3.82 -6.93 -2.28
CA ILE A 234 4.68 -6.70 -3.43
C ILE A 234 5.98 -7.47 -3.24
N TRP A 235 6.45 -8.10 -4.31
CA TRP A 235 7.68 -8.88 -4.25
C TRP A 235 8.87 -8.24 -4.95
N ASN A 236 8.64 -7.39 -5.94
CA ASN A 236 9.75 -6.80 -6.71
C ASN A 236 10.20 -5.49 -6.08
N THR A 237 10.68 -5.59 -4.83
CA THR A 237 11.11 -4.42 -4.08
C THR A 237 12.59 -4.15 -4.34
N ASP A 238 12.87 -3.71 -5.56
CA ASP A 238 14.22 -3.30 -5.95
C ASP A 238 14.33 -1.82 -6.26
N THR A 239 13.51 -1.31 -7.17
CA THR A 239 13.51 0.12 -7.46
C THR A 239 12.86 0.90 -6.31
N ILE A 240 13.20 2.19 -6.22
CA ILE A 240 12.75 3.00 -5.09
C ILE A 240 11.22 3.11 -5.09
N LEU A 241 10.63 3.39 -6.26
CA LEU A 241 9.18 3.50 -6.33
C LEU A 241 8.52 2.18 -5.98
N SER A 242 9.09 1.07 -6.44
CA SER A 242 8.53 -0.24 -6.13
C SER A 242 8.60 -0.55 -4.64
N MET A 243 9.69 -0.16 -3.97
CA MET A 243 9.79 -0.43 -2.55
C MET A 243 8.80 0.43 -1.75
N LEU A 244 8.69 1.71 -2.09
CA LEU A 244 7.71 2.57 -1.42
C LEU A 244 6.29 2.07 -1.64
N VAL A 245 5.98 1.65 -2.88
CA VAL A 245 4.65 1.12 -3.15
C VAL A 245 4.43 -0.21 -2.44
N SER A 246 5.49 -1.00 -2.25
CA SER A 246 5.37 -2.22 -1.48
C SER A 246 4.94 -1.93 -0.05
N TRP A 247 5.56 -0.95 0.58
CA TRP A 247 5.16 -0.63 1.94
C TRP A 247 3.82 0.09 2.01
N ARG A 248 3.45 0.84 0.97
CA ARG A 248 2.10 1.38 0.90
C ARG A 248 1.07 0.26 0.81
N TYR A 249 1.36 -0.77 0.01
CA TYR A 249 0.47 -1.94 -0.06
C TYR A 249 0.36 -2.61 1.29
N PHE A 250 1.49 -2.81 1.97
CA PHE A 250 1.46 -3.44 3.29
C PHE A 250 0.62 -2.64 4.27
N SER A 251 0.81 -1.32 4.29
CA SER A 251 0.02 -0.47 5.19
C SER A 251 -1.46 -0.52 4.84
N ALA A 252 -1.79 -0.42 3.55
CA ALA A 252 -3.19 -0.38 3.13
C ALA A 252 -3.89 -1.71 3.38
N PHE A 253 -3.14 -2.80 3.42
CA PHE A 253 -3.78 -4.09 3.63
C PHE A 253 -3.81 -4.48 5.11
N ASN A 254 -2.81 -4.07 5.89
CA ASN A 254 -2.74 -4.51 7.28
C ASN A 254 -3.33 -3.51 8.26
N VAL A 255 -3.41 -2.23 7.90
CA VAL A 255 -3.86 -1.22 8.86
C VAL A 255 -5.16 -0.59 8.40
N GLU A 256 -5.37 -0.51 7.08
CA GLU A 256 -6.56 0.15 6.54
C GLU A 256 -7.64 -0.84 6.15
N ARG A 257 -7.26 -2.02 5.68
CA ARG A 257 -8.26 -3.05 5.38
C ARG A 257 -8.64 -3.86 6.61
N GLY A 258 -7.70 -4.05 7.55
CA GLY A 258 -8.04 -4.74 8.78
C GLY A 258 -9.01 -3.96 9.64
N ALA A 259 -8.85 -2.63 9.68
CA ALA A 259 -9.77 -1.81 10.47
C ALA A 259 -11.19 -1.93 9.95
N GLN A 260 -11.37 -1.90 8.63
CA GLN A 260 -12.69 -2.16 8.07
C GLN A 260 -13.14 -3.59 8.32
N SER A 261 -12.20 -4.55 8.26
CA SER A 261 -12.55 -5.94 8.49
C SER A 261 -13.03 -6.20 9.90
N LEU A 262 -12.66 -5.35 10.87
CA LEU A 262 -13.20 -5.50 12.22
C LEU A 262 -14.71 -5.34 12.22
N TRP A 263 -15.23 -4.39 11.45
CA TRP A 263 -16.65 -4.20 11.28
C TRP A 263 -17.21 -5.01 10.13
N LYS A 264 -16.38 -5.83 9.48
CA LYS A 264 -16.79 -6.71 8.39
C LYS A 264 -17.40 -5.92 7.24
N THR A 265 -16.77 -4.80 6.89
CA THR A 265 -17.21 -3.94 5.80
C THR A 265 -16.03 -3.54 4.92
N VAL A 266 -15.21 -4.53 4.53
CA VAL A 266 -14.07 -4.24 3.67
C VAL A 266 -14.59 -3.66 2.35
N GLN A 267 -14.08 -2.48 1.99
CA GLN A 267 -14.64 -1.75 0.86
C GLN A 267 -14.20 -2.33 -0.47
N CYS A 268 -12.98 -2.84 -0.56
CA CYS A 268 -12.43 -3.33 -1.82
C CYS A 268 -11.67 -4.64 -1.57
N VAL A 269 -12.26 -5.74 -2.03
CA VAL A 269 -11.57 -7.02 -1.98
C VAL A 269 -10.34 -6.96 -2.88
N GLY A 270 -9.19 -7.39 -2.35
CA GLY A 270 -7.96 -7.35 -3.11
C GLY A 270 -8.04 -8.11 -4.41
N GLY A 271 -7.59 -7.47 -5.49
CA GLY A 271 -7.60 -8.08 -6.80
C GLY A 271 -6.77 -9.34 -6.91
N PRO A 272 -5.52 -9.30 -6.44
CA PRO A 272 -4.66 -10.50 -6.55
C PRO A 272 -5.19 -11.73 -5.82
N LEU A 273 -6.03 -11.57 -4.80
CA LEU A 273 -6.49 -12.70 -4.03
C LEU A 273 -7.79 -12.35 -3.32
N GLY A 274 -8.83 -13.14 -3.54
CA GLY A 274 -10.06 -12.97 -2.79
C GLY A 274 -11.11 -14.03 -3.03
N ALA A 275 -11.77 -14.49 -2.00
CA ALA A 275 -12.79 -15.52 -2.14
C ALA A 275 -14.19 -14.92 -2.04
N TYR A 276 -15.11 -15.51 -2.78
CA TYR A 276 -16.52 -15.11 -2.77
C TYR A 276 -17.38 -16.36 -2.64
N THR A 277 -18.42 -16.27 -1.82
CA THR A 277 -19.37 -17.37 -1.74
C THR A 277 -20.10 -17.51 -3.07
N ILE A 278 -20.36 -18.75 -3.48
CA ILE A 278 -20.99 -18.97 -4.78
C ILE A 278 -22.41 -18.41 -4.82
N ASP A 279 -23.09 -18.33 -3.66
CA ASP A 279 -24.43 -17.76 -3.63
C ASP A 279 -24.41 -16.27 -3.94
N ILE A 280 -23.54 -15.51 -3.27
CA ILE A 280 -23.50 -14.08 -3.51
C ILE A 280 -22.96 -13.78 -4.90
N ILE A 281 -22.01 -14.57 -5.40
CA ILE A 281 -21.53 -14.34 -6.76
C ILE A 281 -22.60 -14.67 -7.79
N ASN A 282 -23.41 -15.70 -7.54
CA ASN A 282 -24.54 -15.99 -8.42
C ASN A 282 -25.56 -14.86 -8.39
N GLU A 283 -25.75 -14.24 -7.23
CA GLU A 283 -26.72 -13.16 -7.11
C GLU A 283 -26.23 -11.88 -7.78
N ILE A 284 -24.93 -11.58 -7.69
CA ILE A 284 -24.44 -10.27 -8.10
C ILE A 284 -23.63 -10.29 -9.39
N LYS A 285 -23.50 -11.44 -10.05
CA LYS A 285 -22.73 -11.45 -11.30
C LYS A 285 -23.44 -10.68 -12.40
N ASP A 286 -24.78 -10.64 -12.38
CA ASP A 286 -25.50 -9.92 -13.42
C ASP A 286 -25.48 -8.41 -13.18
N PRO A 287 -25.84 -7.90 -12.00
CA PRO A 287 -25.77 -6.44 -11.80
C PRO A 287 -24.35 -5.88 -11.87
N TRP A 288 -23.34 -6.64 -11.42
CA TRP A 288 -21.98 -6.14 -11.45
C TRP A 288 -21.51 -5.89 -12.89
N ILE A 289 -21.80 -6.81 -13.79
CA ILE A 289 -21.58 -6.60 -15.21
C ILE A 289 -22.70 -5.71 -15.74
N THR A 290 -22.54 -5.19 -16.95
CA THR A 290 -23.47 -4.19 -17.50
C THR A 290 -23.66 -3.02 -16.56
N GLN A 291 -22.56 -2.52 -16.01
CA GLN A 291 -22.61 -1.33 -15.16
C GLN A 291 -22.49 -0.08 -16.02
N THR A 292 -23.42 0.84 -15.85
CA THR A 292 -23.42 2.08 -16.61
C THR A 292 -23.59 3.29 -15.70
N CYS A 298 -16.90 1.86 -15.60
CA CYS A 298 -17.50 0.78 -16.38
C CYS A 298 -16.45 -0.24 -16.78
N THR A 299 -15.18 0.14 -16.73
CA THR A 299 -14.08 -0.74 -17.13
C THR A 299 -12.93 -0.80 -16.13
N TYR A 300 -12.79 0.19 -15.25
CA TYR A 300 -11.60 0.28 -14.40
C TYR A 300 -11.84 -0.20 -12.96
N GLY A 301 -13.07 -0.17 -12.48
CA GLY A 301 -13.33 -0.57 -11.10
C GLY A 301 -13.03 -2.03 -10.85
N ASP A 302 -13.58 -2.91 -11.70
CA ASP A 302 -13.38 -4.35 -11.60
C ASP A 302 -13.77 -4.90 -10.23
N ASP A 303 -12.80 -5.07 -9.34
CA ASP A 303 -13.07 -5.67 -8.03
C ASP A 303 -13.77 -4.71 -7.08
N ARG A 304 -13.54 -3.41 -7.23
CA ARG A 304 -14.19 -2.43 -6.36
C ARG A 304 -15.71 -2.49 -6.51
N ARG A 305 -16.19 -2.59 -7.75
CA ARG A 305 -17.63 -2.68 -7.98
C ARG A 305 -18.19 -3.98 -7.45
N LEU A 306 -17.43 -5.08 -7.55
CA LEU A 306 -17.89 -6.35 -6.99
C LEU A 306 -18.03 -6.27 -5.48
N THR A 307 -17.03 -5.73 -4.80
CA THR A 307 -17.11 -5.59 -3.35
C THR A 307 -18.23 -4.63 -2.95
N ASN A 308 -18.40 -3.54 -3.69
CA ASN A 308 -19.49 -2.62 -3.38
C ASN A 308 -20.84 -3.25 -3.62
N GLU A 309 -20.94 -4.17 -4.58
CA GLU A 309 -22.18 -4.91 -4.77
C GLU A 309 -22.46 -5.82 -3.58
N VAL A 310 -21.42 -6.51 -3.09
CA VAL A 310 -21.59 -7.35 -1.91
C VAL A 310 -22.03 -6.51 -0.72
N LEU A 311 -21.49 -5.29 -0.60
CA LEU A 311 -21.90 -4.41 0.49
C LEU A 311 -23.34 -3.93 0.31
N MET A 312 -23.71 -3.51 -0.90
CA MET A 312 -25.04 -2.99 -1.17
C MET A 312 -26.11 -4.05 -0.93
N ARG A 313 -25.80 -5.32 -1.19
CA ARG A 313 -26.78 -6.37 -0.90
C ARG A 313 -27.03 -6.52 0.60
N GLY A 314 -26.18 -5.94 1.44
CA GLY A 314 -26.33 -6.02 2.87
C GLY A 314 -25.47 -7.06 3.56
N LYS A 315 -24.57 -7.71 2.83
CA LYS A 315 -23.72 -8.75 3.40
C LYS A 315 -22.44 -8.13 3.96
N LYS A 316 -21.53 -8.98 4.44
CA LYS A 316 -20.32 -8.55 5.13
C LYS A 316 -19.10 -9.18 4.48
N ILE A 317 -18.01 -8.42 4.48
CA ILE A 317 -16.74 -8.86 3.91
C ILE A 317 -15.65 -8.69 4.96
N VAL A 318 -14.82 -9.71 5.13
CA VAL A 318 -13.72 -9.66 6.09
C VAL A 318 -12.40 -9.68 5.34
N TYR A 319 -11.31 -9.52 6.08
CA TYR A 319 -9.96 -9.54 5.53
C TYR A 319 -9.09 -10.44 6.38
N THR A 320 -8.35 -11.34 5.73
CA THR A 320 -7.53 -12.31 6.44
C THR A 320 -6.06 -12.06 6.16
N PRO A 321 -5.32 -11.47 7.10
CA PRO A 321 -3.88 -11.21 6.86
C PRO A 321 -3.03 -12.47 6.83
N PHE A 322 -3.57 -13.62 7.23
CA PHE A 322 -2.80 -14.86 7.22
C PHE A 322 -2.72 -15.49 5.84
N ALA A 323 -3.42 -14.94 4.85
CA ALA A 323 -3.38 -15.44 3.48
C ALA A 323 -2.61 -14.46 2.62
N VAL A 324 -1.54 -14.92 2.00
CA VAL A 324 -0.59 -14.07 1.30
C VAL A 324 -0.57 -14.42 -0.17
N GLY A 325 -0.64 -13.40 -1.02
CA GLY A 325 -0.43 -13.57 -2.45
C GLY A 325 0.48 -12.50 -3.00
N TRP A 326 1.62 -12.89 -3.55
CA TRP A 326 2.62 -11.93 -4.01
C TRP A 326 2.34 -11.48 -5.44
N SER A 327 2.42 -10.18 -5.67
CA SER A 327 2.24 -9.61 -6.99
C SER A 327 3.23 -8.47 -7.18
N ASP A 328 3.55 -8.18 -8.44
CA ASP A 328 4.50 -7.12 -8.73
C ASP A 328 3.84 -5.75 -8.65
N SER A 329 4.68 -4.71 -8.62
CA SER A 329 4.24 -3.34 -8.53
C SER A 329 4.85 -2.52 -9.66
N PRO A 330 4.15 -1.49 -10.13
CA PRO A 330 4.70 -0.65 -11.20
C PRO A 330 5.99 0.02 -10.75
N THR A 331 6.91 0.17 -11.70
CA THR A 331 8.23 0.75 -11.44
C THR A 331 8.37 2.16 -11.98
N ASN A 332 7.93 2.39 -13.22
CA ASN A 332 8.01 3.72 -13.80
C ASN A 332 7.08 4.68 -13.07
N VAL A 333 7.56 5.92 -12.86
CA VAL A 333 6.75 6.91 -12.18
C VAL A 333 5.55 7.31 -13.04
N MET A 334 5.76 7.43 -14.35
CA MET A 334 4.66 7.81 -15.24
C MET A 334 3.59 6.72 -15.28
N ARG A 335 4.02 5.46 -15.39
CA ARG A 335 3.06 4.36 -15.36
C ARG A 335 2.35 4.28 -14.02
N TYR A 336 3.06 4.54 -12.93
CA TYR A 336 2.42 4.57 -11.62
C TYR A 336 1.39 5.68 -11.53
N ILE A 337 1.68 6.85 -12.09
CA ILE A 337 0.71 7.95 -12.07
C ILE A 337 -0.52 7.59 -12.90
N VAL A 338 -0.33 6.93 -14.04
CA VAL A 338 -1.47 6.51 -14.86
C VAL A 338 -2.33 5.50 -14.10
N GLN A 339 -1.68 4.51 -13.48
CA GLN A 339 -2.42 3.51 -12.71
C GLN A 339 -3.18 4.16 -11.55
N GLN A 340 -2.53 5.11 -10.87
CA GLN A 340 -3.15 5.75 -9.73
C GLN A 340 -4.32 6.64 -10.16
N THR A 341 -4.21 7.31 -11.30
CA THR A 341 -5.35 8.10 -11.76
C THR A 341 -6.50 7.22 -12.21
N ARG A 342 -6.23 6.03 -12.78
CA ARG A 342 -7.32 5.12 -13.06
C ARG A 342 -8.00 4.62 -11.78
N TRP A 343 -7.18 4.25 -10.78
CA TRP A 343 -7.75 3.81 -9.51
C TRP A 343 -8.55 4.91 -8.84
N SER A 344 -8.08 6.16 -8.94
CA SER A 344 -8.78 7.25 -8.29
C SER A 344 -10.04 7.63 -9.03
N LYS A 345 -10.07 7.47 -10.36
CA LYS A 345 -11.33 7.63 -11.08
C LYS A 345 -12.34 6.58 -10.64
N SER A 346 -11.90 5.33 -10.50
CA SER A 346 -12.80 4.30 -10.01
C SER A 346 -13.28 4.60 -8.59
N TRP A 347 -12.38 5.07 -7.73
CA TRP A 347 -12.76 5.42 -6.36
C TRP A 347 -13.76 6.56 -6.32
N CYS A 348 -13.53 7.59 -7.15
CA CYS A 348 -14.48 8.70 -7.20
C CYS A 348 -15.83 8.25 -7.73
N ARG A 349 -15.84 7.22 -8.58
CA ARG A 349 -17.13 6.70 -9.05
C ARG A 349 -17.82 5.85 -8.00
N GLU A 350 -17.06 5.11 -7.19
CA GLU A 350 -17.65 4.12 -6.29
C GLU A 350 -17.88 4.61 -4.86
N ILE A 351 -17.30 5.75 -4.47
CA ILE A 351 -17.48 6.21 -3.10
C ILE A 351 -18.93 6.57 -2.82
N TRP A 352 -19.65 7.07 -3.82
CA TRP A 352 -21.06 7.42 -3.62
C TRP A 352 -21.89 6.17 -3.38
N TYR A 353 -21.62 5.09 -4.13
CA TYR A 353 -22.33 3.84 -3.92
C TYR A 353 -21.96 3.21 -2.59
N THR A 354 -20.71 3.35 -2.17
CA THR A 354 -20.32 2.86 -0.84
C THR A 354 -21.04 3.63 0.26
N LEU A 355 -21.12 4.96 0.13
CA LEU A 355 -21.81 5.78 1.12
C LEU A 355 -23.30 5.45 1.16
N GLY A 356 -23.92 5.25 0.00
CA GLY A 356 -25.34 4.95 -0.05
C GLY A 356 -25.72 3.61 0.55
N SER A 357 -24.75 2.71 0.68
CA SER A 357 -24.99 1.40 1.27
C SER A 357 -24.59 1.32 2.74
N ALA A 358 -24.24 2.44 3.36
CA ALA A 358 -23.89 2.42 4.78
C ALA A 358 -25.11 2.21 5.65
N TRP A 359 -26.29 2.63 5.20
CA TRP A 359 -27.50 2.44 5.98
C TRP A 359 -27.96 0.99 5.98
N LYS A 360 -27.60 0.23 4.94
CA LYS A 360 -28.00 -1.17 4.86
C LYS A 360 -27.39 -1.97 6.01
N HIS A 361 -26.23 -1.56 6.50
CA HIS A 361 -25.58 -2.26 7.60
C HIS A 361 -26.04 -1.77 8.97
N GLY A 362 -26.88 -0.74 9.02
CA GLY A 362 -27.38 -0.26 10.30
C GLY A 362 -26.24 0.22 11.17
N PHE A 363 -26.30 -0.16 12.45
CA PHE A 363 -25.20 0.15 13.35
C PHE A 363 -23.95 -0.64 12.95
N SER A 364 -22.80 -0.14 13.41
CA SER A 364 -21.49 -0.65 13.03
C SER A 364 -21.22 -0.41 11.55
N GLY A 365 -22.15 0.26 10.87
CA GLY A 365 -21.95 0.76 9.53
C GLY A 365 -21.57 2.21 9.50
N ILE A 366 -21.54 2.88 10.65
CA ILE A 366 -21.09 4.26 10.72
C ILE A 366 -19.61 4.36 10.35
N TYR A 367 -18.84 3.29 10.59
CA TYR A 367 -17.42 3.34 10.27
C TYR A 367 -17.20 3.44 8.76
N LEU A 368 -18.08 2.85 7.96
CA LEU A 368 -17.92 2.92 6.51
C LEU A 368 -18.10 4.35 6.00
N ALA A 369 -19.19 5.00 6.42
CA ALA A 369 -19.42 6.39 6.03
C ALA A 369 -18.33 7.29 6.59
N PHE A 370 -17.88 7.04 7.82
CA PHE A 370 -16.81 7.86 8.38
C PHE A 370 -15.51 7.68 7.61
N GLU A 371 -15.21 6.45 7.18
CA GLU A 371 -14.00 6.23 6.40
C GLU A 371 -14.07 6.94 5.06
N CYS A 372 -15.23 6.90 4.40
CA CYS A 372 -15.37 7.61 3.13
C CYS A 372 -15.24 9.12 3.32
N MET A 373 -15.89 9.66 4.35
CA MET A 373 -15.80 11.09 4.64
C MET A 373 -14.38 11.49 4.98
N TYR A 374 -13.68 10.67 5.77
CA TYR A 374 -12.30 10.97 6.11
C TYR A 374 -11.40 10.91 4.89
N GLN A 375 -11.66 9.97 3.98
CA GLN A 375 -10.86 9.90 2.76
C GLN A 375 -11.04 11.15 1.91
N ILE A 376 -12.26 11.67 1.83
CA ILE A 376 -12.48 12.91 1.05
C ILE A 376 -11.81 14.09 1.73
N MET A 377 -12.11 14.28 3.03
CA MET A 377 -11.60 15.45 3.74
C MET A 377 -10.09 15.42 3.92
N TYR A 378 -9.47 14.24 3.94
CA TYR A 378 -8.02 14.19 4.07
C TYR A 378 -7.34 14.81 2.85
N PHE A 379 -7.77 14.40 1.66
CA PHE A 379 -7.20 14.97 0.45
C PHE A 379 -7.51 16.46 0.34
N PHE A 380 -8.76 16.85 0.63
CA PHE A 380 -9.10 18.27 0.51
C PHE A 380 -8.33 19.12 1.51
N LEU A 381 -8.18 18.63 2.75
CA LEU A 381 -7.44 19.36 3.76
C LEU A 381 -5.96 19.44 3.43
N VAL A 382 -5.39 18.35 2.91
CA VAL A 382 -3.99 18.40 2.51
C VAL A 382 -3.78 19.43 1.43
N MET A 383 -4.63 19.43 0.40
CA MET A 383 -4.48 20.40 -0.67
C MET A 383 -4.62 21.82 -0.15
N TYR A 384 -5.65 22.08 0.66
CA TYR A 384 -5.86 23.44 1.17
C TYR A 384 -4.70 23.89 2.06
N LEU A 385 -4.25 23.01 2.98
CA LEU A 385 -3.19 23.39 3.89
C LEU A 385 -1.89 23.67 3.16
N PHE A 386 -1.53 22.81 2.20
CA PHE A 386 -0.27 23.03 1.49
C PHE A 386 -0.35 24.25 0.58
N SER A 387 -1.50 24.48 -0.06
CA SER A 387 -1.65 25.67 -0.88
C SER A 387 -1.55 26.94 -0.02
N TYR A 388 -2.20 26.94 1.15
CA TYR A 388 -2.14 28.10 2.03
C TYR A 388 -0.72 28.34 2.53
N ILE A 389 0.00 27.25 2.86
CA ILE A 389 1.36 27.39 3.36
C ILE A 389 2.27 27.91 2.25
N ALA A 390 2.09 27.43 1.02
CA ALA A 390 2.90 27.92 -0.09
C ALA A 390 2.60 29.39 -0.38
N ILE A 391 1.34 29.80 -0.31
CA ILE A 391 0.98 31.18 -0.61
C ILE A 391 1.55 32.13 0.45
N LYS A 392 1.34 31.78 1.72
CA LYS A 392 1.87 32.59 2.83
C LYS A 392 3.26 32.07 3.17
N ALA A 393 4.27 32.64 2.53
CA ALA A 393 5.64 32.14 2.62
C ALA A 393 6.23 32.51 3.97
N ASP A 394 5.90 31.71 4.98
CA ASP A 394 6.47 31.83 6.31
C ASP A 394 7.38 30.62 6.55
N ILE A 395 8.64 30.88 6.89
CA ILE A 395 9.59 29.78 7.05
C ILE A 395 9.23 28.94 8.26
N ARG A 396 8.74 29.57 9.33
CA ARG A 396 8.35 28.79 10.51
C ARG A 396 7.23 27.81 10.17
N ALA A 397 6.19 28.28 9.48
CA ALA A 397 5.08 27.41 9.14
C ALA A 397 5.51 26.29 8.20
N GLN A 398 6.34 26.62 7.19
CA GLN A 398 6.77 25.61 6.23
C GLN A 398 7.64 24.55 6.90
N THR A 399 8.62 24.98 7.70
CA THR A 399 9.48 24.01 8.38
C THR A 399 8.70 23.18 9.38
N ALA A 400 7.77 23.79 10.11
CA ALA A 400 6.95 23.05 11.06
C ALA A 400 6.08 22.02 10.35
N THR A 401 5.51 22.39 9.19
CA THR A 401 4.72 21.44 8.42
C THR A 401 5.56 20.28 7.94
N VAL A 402 6.76 20.56 7.44
CA VAL A 402 7.64 19.49 6.98
C VAL A 402 7.99 18.56 8.12
N LEU A 403 8.35 19.11 9.28
CA LEU A 403 8.74 18.29 10.42
C LEU A 403 7.56 17.49 10.95
N VAL A 404 6.37 18.09 11.00
CA VAL A 404 5.20 17.37 11.51
C VAL A 404 4.84 16.22 10.59
N SER A 405 4.85 16.46 9.27
CA SER A 405 4.55 15.38 8.33
C SER A 405 5.59 14.27 8.43
N THR A 406 6.87 14.64 8.55
CA THR A 406 7.92 13.64 8.68
C THR A 406 7.74 12.83 9.95
N LEU A 407 7.39 13.47 11.06
CA LEU A 407 7.20 12.75 12.32
C LEU A 407 6.00 11.82 12.25
N VAL A 408 4.90 12.26 11.63
CA VAL A 408 3.74 11.40 11.48
C VAL A 408 4.08 10.18 10.64
N THR A 409 4.78 10.38 9.52
CA THR A 409 5.18 9.27 8.69
C THR A 409 6.17 8.37 9.41
N ILE A 410 7.02 8.93 10.26
CA ILE A 410 7.97 8.13 11.03
C ILE A 410 7.23 7.23 12.01
N ILE A 411 6.21 7.76 12.67
CA ILE A 411 5.42 6.94 13.59
C ILE A 411 4.70 5.83 12.83
N LYS A 412 4.10 6.16 11.69
CA LYS A 412 3.45 5.14 10.87
C LYS A 412 4.43 4.05 10.48
N SER A 413 5.62 4.44 10.00
CA SER A 413 6.62 3.46 9.59
C SER A 413 7.14 2.67 10.77
N SER A 414 7.19 3.27 11.96
CA SER A 414 7.60 2.51 13.14
C SER A 414 6.61 1.41 13.46
N TYR A 415 5.31 1.73 13.40
CA TYR A 415 4.33 0.67 13.60
C TYR A 415 4.42 -0.39 12.51
N LEU A 416 4.66 0.02 11.27
CA LEU A 416 4.79 -0.95 10.19
C LEU A 416 5.98 -1.86 10.41
N ALA A 417 7.10 -1.30 10.87
CA ALA A 417 8.28 -2.11 11.16
C ALA A 417 8.02 -3.07 12.31
N LEU A 418 7.28 -2.63 13.32
CA LEU A 418 6.92 -3.54 14.41
C LEU A 418 6.02 -4.66 13.92
N ARG A 419 5.07 -4.35 13.05
CA ARG A 419 4.09 -5.35 12.62
C ARG A 419 4.71 -6.36 11.65
N ALA A 420 5.54 -5.89 10.72
CA ALA A 420 6.15 -6.77 9.74
C ALA A 420 7.46 -7.38 10.23
N LYS A 421 7.95 -6.98 11.41
CA LYS A 421 9.24 -7.42 11.93
C LYS A 421 10.36 -7.13 10.95
N ASN A 422 10.23 -6.06 10.18
CA ASN A 422 11.17 -5.70 9.12
C ASN A 422 11.60 -4.25 9.28
N LEU A 423 12.90 -4.02 9.35
CA LEU A 423 13.40 -2.65 9.44
C LEU A 423 13.20 -1.88 8.14
N LYS A 424 13.21 -2.57 6.98
CA LYS A 424 13.04 -1.91 5.70
C LYS A 424 11.75 -1.10 5.63
N ALA A 425 10.80 -1.34 6.53
CA ALA A 425 9.57 -0.56 6.57
C ALA A 425 9.82 0.92 6.79
N PHE A 426 10.97 1.29 7.35
CA PHE A 426 11.27 2.71 7.50
C PHE A 426 11.47 3.41 6.16
N TYR A 427 11.72 2.65 5.08
CA TYR A 427 11.71 3.26 3.75
C TYR A 427 10.37 3.90 3.44
N PHE A 428 9.30 3.46 4.13
CA PHE A 428 8.00 4.06 3.94
C PHE A 428 8.01 5.55 4.23
N VAL A 429 8.99 6.04 5.00
CA VAL A 429 9.12 7.47 5.21
C VAL A 429 9.23 8.19 3.87
N LEU A 430 10.09 7.70 2.98
CA LEU A 430 10.25 8.31 1.67
C LEU A 430 8.96 8.29 0.86
N TYR A 431 8.01 7.42 1.21
CA TYR A 431 6.73 7.41 0.51
C TYR A 431 6.00 8.74 0.64
N THR A 432 6.34 9.54 1.66
CA THR A 432 5.73 10.85 1.80
C THR A 432 6.03 11.74 0.61
N TYR A 433 7.07 11.42 -0.17
CA TYR A 433 7.31 12.14 -1.42
C TYR A 433 6.34 11.70 -2.50
N VAL A 434 6.12 10.38 -2.63
CA VAL A 434 5.29 9.87 -3.73
C VAL A 434 3.88 10.43 -3.64
N TYR A 435 3.30 10.45 -2.44
CA TYR A 435 1.95 10.98 -2.27
C TYR A 435 1.86 12.42 -2.75
N PHE A 436 2.95 13.17 -2.66
CA PHE A 436 2.91 14.57 -3.06
C PHE A 436 3.28 14.78 -4.52
N PHE A 437 3.81 13.74 -5.21
CA PHE A 437 4.26 13.90 -6.57
C PHE A 437 3.65 12.89 -7.54
N CYS A 438 3.13 11.77 -7.05
CA CYS A 438 2.50 10.77 -7.90
C CYS A 438 1.07 10.45 -7.52
N MET A 439 0.58 10.95 -6.38
CA MET A 439 -0.78 10.69 -5.94
C MET A 439 -1.66 11.93 -6.03
N ILE A 440 -1.24 13.06 -5.47
CA ILE A 440 -2.04 14.28 -5.53
C ILE A 440 -2.32 14.69 -6.97
N PRO A 441 -1.34 14.75 -7.87
CA PRO A 441 -1.69 14.97 -9.28
C PRO A 441 -2.59 13.90 -9.86
N ALA A 442 -2.45 12.65 -9.41
CA ALA A 442 -3.37 11.60 -9.85
C ALA A 442 -4.79 11.88 -9.38
N ARG A 443 -4.96 12.31 -8.12
CA ARG A 443 -6.29 12.65 -7.64
C ARG A 443 -6.89 13.81 -8.44
N ILE A 444 -6.07 14.84 -8.70
CA ILE A 444 -6.59 16.00 -9.42
C ILE A 444 -6.95 15.63 -10.86
N THR A 445 -6.12 14.82 -11.52
CA THR A 445 -6.42 14.39 -12.88
C THR A 445 -7.69 13.56 -12.92
N ALA A 446 -7.85 12.64 -11.96
CA ALA A 446 -9.07 11.84 -11.91
C ALA A 446 -10.30 12.72 -11.67
N MET A 447 -10.20 13.70 -10.77
CA MET A 447 -11.32 14.59 -10.52
C MET A 447 -11.68 15.42 -11.74
N PHE A 448 -10.67 15.93 -12.45
CA PHE A 448 -10.96 16.74 -13.63
C PHE A 448 -11.54 15.90 -14.76
N THR A 449 -11.06 14.66 -14.92
CA THR A 449 -11.61 13.79 -15.96
C THR A 449 -13.03 13.36 -15.62
N MET A 450 -13.31 13.10 -14.35
CA MET A 450 -14.67 12.79 -13.93
C MET A 450 -15.59 13.98 -14.11
N PHE A 451 -15.10 15.19 -13.81
CA PHE A 451 -15.92 16.39 -13.96
C PHE A 451 -16.25 16.65 -15.42
N ASP A 452 -15.28 16.41 -16.32
CA ASP A 452 -15.54 16.51 -17.75
C ASP A 452 -16.18 15.25 -18.32
N ILE A 453 -16.24 14.18 -17.54
CA ILE A 453 -16.85 12.91 -17.96
C ILE A 453 -16.27 12.42 -19.28
N VAL A 470 -1.15 14.29 -29.52
CA VAL A 470 -0.63 14.96 -28.34
C VAL A 470 -1.74 15.18 -27.31
N TRP A 471 -2.98 14.94 -27.73
CA TRP A 471 -4.11 15.13 -26.83
C TRP A 471 -4.17 14.03 -25.77
N LEU A 472 -3.76 12.80 -26.11
CA LEU A 472 -3.70 11.76 -25.10
C LEU A 472 -2.68 12.07 -24.03
N TRP A 473 -1.53 12.62 -24.43
CA TRP A 473 -0.52 13.02 -23.46
C TRP A 473 -1.03 14.11 -22.53
N ALA A 474 -1.73 15.12 -23.10
CA ALA A 474 -2.29 16.18 -22.26
C ALA A 474 -3.37 15.63 -21.34
N LYS A 475 -4.19 14.69 -21.83
CA LYS A 475 -5.21 14.09 -20.99
C LYS A 475 -4.61 13.23 -19.88
N GLN A 476 -3.42 12.67 -20.10
CA GLN A 476 -2.78 11.81 -19.12
C GLN A 476 -1.77 12.56 -18.25
N PHE A 477 -0.84 13.30 -18.86
CA PHE A 477 0.16 14.07 -18.12
C PHE A 477 0.09 15.53 -18.56
N LEU A 478 -0.84 16.29 -17.98
CA LEU A 478 -0.76 17.74 -17.99
C LEU A 478 -1.09 18.38 -16.66
N ILE A 479 -1.88 17.73 -15.81
CA ILE A 479 -2.05 18.22 -14.44
C ILE A 479 -0.88 17.78 -13.58
N THR A 480 -0.28 16.64 -13.91
CA THR A 480 0.93 16.22 -13.21
C THR A 480 2.08 17.19 -13.47
N TYR A 481 2.31 17.53 -14.74
CA TYR A 481 3.39 18.46 -15.06
C TYR A 481 3.10 19.85 -14.53
N MET A 482 1.84 20.29 -14.62
CA MET A 482 1.48 21.58 -14.04
C MET A 482 1.63 21.57 -12.53
N TRP A 483 1.30 20.46 -11.87
CA TRP A 483 1.49 20.38 -10.42
C TRP A 483 2.96 20.42 -10.06
N TRP A 484 3.82 19.72 -10.80
CA TRP A 484 5.25 19.77 -10.53
C TRP A 484 5.80 21.17 -10.74
N ALA A 485 5.38 21.84 -11.82
CA ALA A 485 5.81 23.21 -12.06
C ALA A 485 5.33 24.14 -10.96
N GLY A 486 4.11 23.93 -10.47
CA GLY A 486 3.60 24.75 -9.38
C GLY A 486 4.36 24.54 -8.09
N VAL A 487 4.71 23.29 -7.78
CA VAL A 487 5.50 23.01 -6.58
C VAL A 487 6.87 23.65 -6.68
N LEU A 488 7.52 23.52 -7.84
CA LEU A 488 8.83 24.14 -8.03
C LEU A 488 8.73 25.65 -7.94
N ALA A 489 7.67 26.24 -8.52
CA ALA A 489 7.50 27.69 -8.46
C ALA A 489 7.24 28.16 -7.04
N ALA A 490 6.47 27.40 -6.26
CA ALA A 490 6.24 27.76 -4.87
C ALA A 490 7.53 27.70 -4.06
N GLY A 491 8.35 26.67 -4.29
CA GLY A 491 9.64 26.61 -3.62
C GLY A 491 10.55 27.77 -4.00
N VAL A 492 10.60 28.09 -5.30
CA VAL A 492 11.45 29.19 -5.76
C VAL A 492 10.96 30.52 -5.20
N TYR A 493 9.63 30.72 -5.15
CA TYR A 493 9.08 31.96 -4.61
C TYR A 493 9.36 32.07 -3.12
N SER A 494 9.27 30.95 -2.38
CA SER A 494 9.61 30.98 -0.97
C SER A 494 11.08 31.32 -0.76
N ILE A 495 11.96 30.77 -1.60
CA ILE A 495 13.38 31.05 -1.47
C ILE A 495 13.68 32.51 -1.81
N VAL A 496 13.05 33.04 -2.86
CA VAL A 496 13.31 34.40 -3.30
C VAL A 496 12.79 35.40 -2.28
N ASP A 497 11.56 35.17 -1.78
CA ASP A 497 10.96 36.10 -0.81
C ASP A 497 11.71 36.07 0.51
N ASN A 498 11.97 34.89 1.04
CA ASN A 498 12.64 34.74 2.34
C ASN A 498 14.14 34.56 2.16
N TRP A 499 14.74 35.51 1.43
CA TRP A 499 16.17 35.47 1.12
C TRP A 499 16.91 36.39 2.09
N TYR A 500 17.19 35.86 3.27
CA TYR A 500 17.95 36.57 4.29
C TYR A 500 18.52 35.54 5.26
N PHE A 501 19.54 35.96 6.00
CA PHE A 501 20.17 35.11 7.00
C PHE A 501 20.33 35.92 8.28
N ASP A 502 19.60 35.51 9.32
CA ASP A 502 19.62 36.20 10.61
C ASP A 502 19.89 35.14 11.68
N TRP A 503 21.16 34.86 11.92
CA TRP A 503 21.52 33.85 12.93
C TRP A 503 21.56 34.48 14.31
N ALA A 504 20.50 35.22 14.65
CA ALA A 504 20.29 35.72 16.00
C ALA A 504 18.85 35.58 16.42
N ASP A 505 17.98 35.09 15.55
CA ASP A 505 16.56 34.88 15.85
C ASP A 505 16.33 33.40 16.14
N ILE A 506 15.67 33.12 17.27
CA ILE A 506 15.38 31.74 17.63
C ILE A 506 14.47 31.11 16.59
N GLN A 507 13.50 31.88 16.07
CA GLN A 507 12.60 31.34 15.06
C GLN A 507 13.32 31.02 13.75
N TYR A 508 14.20 31.92 13.30
CA TYR A 508 14.96 31.65 12.09
C TYR A 508 15.94 30.51 12.29
N ARG A 509 16.57 30.45 13.47
CA ARG A 509 17.43 29.31 13.79
C ARG A 509 16.64 28.01 13.71
N PHE A 510 15.44 27.99 14.28
CA PHE A 510 14.59 26.80 14.21
C PHE A 510 14.26 26.45 12.77
N ALA A 511 13.88 27.43 11.96
CA ALA A 511 13.50 27.14 10.58
C ALA A 511 14.67 26.54 9.80
N LEU A 512 15.83 27.21 9.83
CA LEU A 512 16.97 26.72 9.06
C LEU A 512 17.46 25.38 9.59
N VAL A 513 17.56 25.22 10.91
CA VAL A 513 18.03 23.96 11.47
C VAL A 513 17.07 22.83 11.15
N GLY A 514 15.76 23.09 11.22
CA GLY A 514 14.79 22.07 10.90
C GLY A 514 14.85 21.64 9.44
N ILE A 515 14.93 22.60 8.52
CA ILE A 515 14.98 22.21 7.11
C ILE A 515 16.28 21.49 6.79
N CYS A 516 17.40 21.92 7.37
CA CYS A 516 18.66 21.25 7.13
C CYS A 516 18.68 19.84 7.72
N SER A 517 18.11 19.68 8.92
CA SER A 517 18.05 18.37 9.54
C SER A 517 17.14 17.43 8.77
N TYR A 518 16.02 17.93 8.26
CA TYR A 518 15.16 17.10 7.42
C TYR A 518 15.87 16.69 6.13
N LEU A 519 16.60 17.62 5.53
CA LEU A 519 17.37 17.29 4.33
C LEU A 519 18.41 16.22 4.63
N VAL A 520 19.10 16.33 5.76
CA VAL A 520 20.08 15.32 6.15
C VAL A 520 19.39 13.99 6.42
N PHE A 521 18.19 14.02 7.01
CA PHE A 521 17.46 12.79 7.29
C PHE A 521 17.09 12.07 6.01
N VAL A 522 16.50 12.77 5.05
CA VAL A 522 16.17 12.12 3.79
C VAL A 522 17.42 11.71 3.01
N SER A 523 18.51 12.48 3.10
CA SER A 523 19.74 12.10 2.42
C SER A 523 20.30 10.80 3.00
N ILE A 524 20.32 10.66 4.32
CA ILE A 524 20.87 9.43 4.89
C ILE A 524 19.91 8.26 4.69
N VAL A 525 18.60 8.51 4.63
CA VAL A 525 17.68 7.42 4.29
C VAL A 525 17.93 6.95 2.86
N LEU A 526 18.14 7.89 1.93
CA LEU A 526 18.42 7.50 0.55
C LEU A 526 19.76 6.79 0.45
N VAL A 527 20.75 7.21 1.24
CA VAL A 527 22.04 6.53 1.22
C VAL A 527 21.91 5.11 1.76
N ILE A 528 21.11 4.93 2.82
CA ILE A 528 20.85 3.59 3.33
C ILE A 528 20.18 2.73 2.27
N TYR A 529 19.21 3.30 1.57
CA TYR A 529 18.55 2.55 0.49
C TYR A 529 19.53 2.20 -0.62
N LEU A 530 20.42 3.12 -0.99
CA LEU A 530 21.38 2.84 -2.05
C LEU A 530 22.34 1.73 -1.66
N ILE A 531 22.87 1.77 -0.44
CA ILE A 531 23.77 0.71 -0.02
C ILE A 531 23.03 -0.60 0.14
N GLY A 532 21.74 -0.57 0.50
CA GLY A 532 20.97 -1.80 0.50
C GLY A 532 20.78 -2.37 -0.89
N LYS A 533 20.51 -1.50 -1.88
CA LYS A 533 20.34 -1.97 -3.24
C LYS A 533 21.62 -2.57 -3.80
N ILE A 534 22.76 -1.90 -3.57
CA ILE A 534 24.02 -2.44 -4.07
C ILE A 534 24.40 -3.72 -3.30
N THR A 535 24.02 -3.80 -2.03
CA THR A 535 24.17 -5.03 -1.26
C THR A 535 23.10 -6.06 -1.61
N THR A 536 22.03 -5.63 -2.29
CA THR A 536 20.86 -6.47 -2.57
C THR A 536 20.19 -6.96 -1.29
N TRP A 537 20.23 -6.15 -0.25
CA TRP A 537 19.47 -6.44 0.96
C TRP A 537 17.99 -6.13 0.80
N ASN A 538 17.66 -5.19 -0.08
CA ASN A 538 16.27 -4.78 -0.27
C ASN A 538 15.42 -5.87 -0.90
N TYR A 539 16.00 -6.75 -1.71
CA TYR A 539 15.21 -7.73 -2.43
C TYR A 539 14.49 -8.66 -1.44
N THR A 540 13.19 -8.83 -1.64
CA THR A 540 12.45 -9.81 -0.89
C THR A 540 12.93 -11.21 -1.26
N PRO A 541 12.81 -12.18 -0.36
CA PRO A 541 13.28 -13.54 -0.69
C PRO A 541 12.63 -14.10 -1.94
N LEU A 542 11.34 -13.81 -2.16
CA LEU A 542 10.71 -14.24 -3.40
C LEU A 542 11.35 -13.58 -4.61
N GLN A 543 11.73 -12.31 -4.51
CA GLN A 543 12.41 -11.67 -5.64
C GLN A 543 13.74 -12.35 -5.93
N LYS A 544 14.51 -12.67 -4.89
CA LYS A 544 15.79 -13.34 -5.10
C LYS A 544 15.59 -14.70 -5.76
N GLU A 545 14.62 -15.47 -5.25
CA GLU A 545 14.33 -16.78 -5.85
C GLU A 545 13.89 -16.65 -7.30
N LEU A 546 13.02 -15.69 -7.59
CA LEU A 546 12.51 -15.53 -8.95
C LEU A 546 13.60 -15.04 -9.89
N ILE A 547 14.47 -14.15 -9.43
CA ILE A 547 15.57 -13.67 -10.26
C ILE A 547 16.52 -14.82 -10.57
N GLU A 548 16.85 -15.63 -9.55
CA GLU A 548 17.72 -16.77 -9.79
C GLU A 548 17.10 -17.75 -10.79
N GLU A 549 15.81 -18.04 -10.64
CA GLU A 549 15.17 -19.00 -11.53
C GLU A 549 15.01 -18.44 -12.94
N ARG A 550 14.78 -17.13 -13.07
CA ARG A 550 14.68 -16.51 -14.38
C ARG A 550 16.04 -16.48 -15.08
N TYR A 551 17.11 -16.24 -14.33
CA TYR A 551 18.44 -16.32 -14.90
C TYR A 551 18.76 -17.74 -15.33
N LEU A 552 18.37 -18.72 -14.52
CA LEU A 552 18.56 -20.13 -14.92
C LEU A 552 17.69 -20.47 -16.12
N HIS A 553 16.42 -20.10 -16.07
CA HIS A 553 15.43 -20.34 -17.13
C HIS A 553 15.55 -21.72 -17.79
N GLN B 1 20.50 48.28 -0.61
CA GLN B 1 20.56 49.48 0.24
C GLN B 1 19.17 49.95 0.63
N VAL B 2 19.05 50.47 1.85
CA VAL B 2 17.79 51.02 2.35
C VAL B 2 18.07 52.40 2.93
N GLN B 3 17.15 53.34 2.69
CA GLN B 3 17.27 54.70 3.21
C GLN B 3 16.24 54.89 4.31
N LEU B 4 16.69 55.41 5.45
CA LEU B 4 15.86 55.55 6.64
C LEU B 4 15.65 57.01 6.97
N VAL B 5 14.41 57.38 7.28
CA VAL B 5 14.05 58.73 7.69
C VAL B 5 13.39 58.65 9.06
N GLU B 6 13.95 59.37 10.02
CA GLU B 6 13.49 59.30 11.41
C GLU B 6 12.55 60.45 11.72
N SER B 7 11.50 60.15 12.49
CA SER B 7 10.52 61.14 12.92
C SER B 7 10.20 60.92 14.39
N GLY B 8 9.92 62.02 15.08
CA GLY B 8 9.67 62.02 16.51
C GLY B 8 10.74 62.79 17.28
N GLY B 9 10.49 62.92 18.58
CA GLY B 9 11.45 63.60 19.43
C GLY B 9 10.92 64.79 20.22
N GLY B 10 9.63 64.81 20.50
CA GLY B 10 9.05 65.88 21.29
C GLY B 10 9.41 65.78 22.76
N LEU B 11 9.29 66.92 23.44
CA LEU B 11 9.66 67.03 24.85
C LEU B 11 8.62 66.37 25.73
N VAL B 12 9.08 65.44 26.57
CA VAL B 12 8.23 64.60 27.41
C VAL B 12 8.61 64.74 28.88
N GLN B 13 8.98 65.95 29.30
CA GLN B 13 9.77 66.24 30.49
C GLN B 13 9.56 65.26 31.64
N ALA B 14 8.30 64.97 31.99
CA ALA B 14 7.99 64.01 33.05
C ALA B 14 6.86 63.11 32.56
N GLY B 15 7.23 62.00 31.92
CA GLY B 15 6.27 61.06 31.42
C GLY B 15 5.57 61.54 30.17
N GLY B 16 4.62 60.73 29.71
CA GLY B 16 3.82 61.06 28.54
C GLY B 16 3.75 59.89 27.60
N SER B 17 3.45 60.19 26.33
CA SER B 17 3.34 59.17 25.30
C SER B 17 3.58 59.80 23.95
N LEU B 18 4.65 59.38 23.28
CA LEU B 18 4.94 59.85 21.93
C LEU B 18 5.61 58.72 21.17
N LYS B 19 5.60 58.84 19.84
CA LYS B 19 6.09 57.80 18.96
C LYS B 19 7.29 58.31 18.16
N VAL B 20 8.36 57.51 18.13
CA VAL B 20 9.51 57.77 17.28
C VAL B 20 9.66 56.59 16.33
N SER B 21 9.70 56.89 15.03
CA SER B 21 9.68 55.84 14.03
C SER B 21 10.57 56.22 12.84
N CYS B 22 11.18 55.20 12.24
CA CYS B 22 12.01 55.38 11.05
C CYS B 22 11.35 54.70 9.88
N ALA B 23 10.92 55.49 8.91
CA ALA B 23 10.38 54.98 7.66
C ALA B 23 11.52 54.55 6.75
N ALA B 24 11.37 53.38 6.12
CA ALA B 24 12.42 52.78 5.31
C ALA B 24 11.99 52.75 3.85
N SER B 25 12.93 53.01 2.95
CA SER B 25 12.72 52.93 1.52
C SER B 25 13.79 52.01 0.95
N GLY B 26 13.36 50.91 0.35
CA GLY B 26 14.28 49.93 -0.21
C GLY B 26 13.56 48.94 -1.09
N ARG B 27 14.04 47.71 -1.08
CA ARG B 27 13.49 46.65 -1.92
C ARG B 27 12.66 45.65 -1.13
N ALA B 28 13.23 45.03 -0.10
CA ALA B 28 12.55 43.99 0.67
C ALA B 28 12.66 44.34 2.15
N PHE B 29 11.61 44.98 2.68
CA PHE B 29 11.58 45.33 4.09
C PHE B 29 11.13 44.18 4.98
N LYS B 30 10.53 43.14 4.40
CA LYS B 30 10.07 42.01 5.22
C LYS B 30 11.23 41.19 5.75
N THR B 31 12.39 41.25 5.10
CA THR B 31 13.55 40.46 5.47
C THR B 31 14.66 41.29 6.11
N TYR B 32 14.35 42.48 6.60
CA TYR B 32 15.34 43.34 7.25
C TYR B 32 15.13 43.31 8.74
N ARG B 33 16.21 43.13 9.50
CA ARG B 33 16.18 43.25 10.95
C ARG B 33 16.36 44.71 11.32
N MET B 34 15.37 45.28 11.98
CA MET B 34 15.43 46.67 12.40
C MET B 34 15.93 46.75 13.84
N ALA B 35 16.62 47.85 14.16
CA ALA B 35 17.17 48.04 15.49
C ALA B 35 17.22 49.52 15.80
N TRP B 36 17.26 49.83 17.10
CA TRP B 36 17.29 51.20 17.58
C TRP B 36 18.53 51.41 18.45
N PHE B 37 19.28 52.46 18.13
CA PHE B 37 20.53 52.78 18.80
C PHE B 37 20.51 54.21 19.30
N ARG B 38 20.95 54.38 20.55
CA ARG B 38 21.07 55.66 21.21
C ARG B 38 22.50 56.16 21.09
N GLN B 39 22.66 57.47 21.21
CA GLN B 39 23.98 58.12 21.25
C GLN B 39 23.93 59.21 22.30
N ALA B 40 24.66 59.02 23.39
CA ALA B 40 24.65 59.94 24.52
C ALA B 40 25.97 60.71 24.58
N PRO B 41 25.96 61.92 25.15
CA PRO B 41 27.21 62.70 25.23
C PRO B 41 28.32 61.98 25.98
N GLY B 42 27.98 61.26 27.05
CA GLY B 42 28.98 60.54 27.82
C GLY B 42 29.44 59.21 27.25
N LYS B 43 28.72 58.69 26.27
CA LYS B 43 29.02 57.40 25.66
C LYS B 43 29.15 57.57 24.14
N GLU B 44 29.19 56.44 23.44
CA GLU B 44 29.38 56.45 21.99
C GLU B 44 28.11 56.04 21.23
N ARG B 45 27.60 54.84 21.51
CA ARG B 45 26.41 54.32 20.86
C ARG B 45 25.99 53.05 21.59
N GLU B 46 24.68 52.87 21.77
CA GLU B 46 24.17 51.74 22.54
C GLU B 46 22.91 51.19 21.89
N PHE B 47 22.68 49.90 22.12
CA PHE B 47 21.48 49.21 21.64
C PHE B 47 20.37 49.40 22.66
N VAL B 48 19.16 49.75 22.20
CA VAL B 48 18.03 49.98 23.07
C VAL B 48 16.84 49.09 22.72
N SER B 49 16.75 48.67 21.47
CA SER B 49 15.65 47.81 21.04
C SER B 49 15.90 47.34 19.62
N GLY B 50 15.25 46.24 19.26
CA GLY B 50 15.36 45.69 17.91
C GLY B 50 14.36 44.62 17.60
N ILE B 51 13.71 44.69 16.44
CA ILE B 51 12.71 43.72 16.03
C ILE B 51 13.27 42.92 14.86
N SER B 52 13.19 41.59 14.97
CA SER B 52 13.78 40.72 13.97
C SER B 52 12.87 40.65 12.74
N ALA B 53 13.27 39.81 11.79
CA ALA B 53 12.47 39.65 10.56
C ALA B 53 11.10 39.05 10.86
N LEU B 54 11.06 37.99 11.68
CA LEU B 54 9.79 37.36 12.04
C LEU B 54 9.20 37.90 13.33
N GLU B 55 9.10 39.23 13.45
CA GLU B 55 8.35 39.88 14.54
C GLU B 55 8.80 39.41 15.92
N THR B 56 10.11 39.28 16.10
CA THR B 56 10.68 38.93 17.40
C THR B 56 11.27 40.19 18.02
N THR B 57 10.88 40.46 19.27
CA THR B 57 11.23 41.70 19.95
C THR B 57 12.46 41.48 20.84
N TYR B 58 13.35 42.46 20.87
CA TYR B 58 14.53 42.42 21.70
C TYR B 58 14.69 43.77 22.39
N TYR B 59 14.86 43.74 23.71
CA TYR B 59 15.10 44.94 24.50
C TYR B 59 16.35 44.75 25.34
N ALA B 60 16.94 45.87 25.75
CA ALA B 60 18.13 45.85 26.57
C ALA B 60 17.78 45.48 28.01
N ASP B 61 18.79 44.94 28.72
CA ASP B 61 18.58 44.52 30.10
C ASP B 61 18.25 45.70 31.01
N SER B 62 18.87 46.85 30.77
CA SER B 62 18.60 48.03 31.59
C SER B 62 17.15 48.47 31.48
N VAL B 63 16.61 48.48 30.26
CA VAL B 63 15.25 48.92 30.01
C VAL B 63 14.49 47.84 29.25
N LYS B 64 13.77 46.99 29.97
CA LYS B 64 13.14 45.83 29.35
C LYS B 64 11.61 45.89 29.44
N GLY B 65 11.08 46.12 30.64
CA GLY B 65 9.66 46.14 30.86
C GLY B 65 9.00 47.48 30.65
N ARG B 66 9.73 48.47 30.16
CA ARG B 66 9.23 49.81 29.89
C ARG B 66 9.45 50.18 28.43
N PHE B 67 9.16 49.26 27.53
CA PHE B 67 9.45 49.43 26.12
C PHE B 67 8.53 48.53 25.30
N THR B 68 8.40 48.87 24.02
CA THR B 68 7.75 47.99 23.06
C THR B 68 8.23 48.39 21.66
N ILE B 69 8.13 47.44 20.74
CA ILE B 69 8.54 47.65 19.35
C ILE B 69 7.43 47.12 18.44
N SER B 70 7.39 47.64 17.22
CA SER B 70 6.38 47.26 16.26
C SER B 70 6.93 47.43 14.86
N ARG B 71 6.51 46.55 13.95
CA ARG B 71 6.93 46.59 12.55
C ARG B 71 5.70 46.58 11.66
N ASP B 72 5.65 47.51 10.72
CA ASP B 72 4.56 47.62 9.75
C ASP B 72 5.13 47.36 8.36
N ASN B 73 4.99 46.13 7.87
CA ASN B 73 5.46 45.82 6.52
C ASN B 73 4.62 46.47 5.45
N THR B 74 3.38 46.86 5.77
CA THR B 74 2.53 47.52 4.79
C THR B 74 2.93 48.97 4.56
N LYS B 75 3.76 49.55 5.43
CA LYS B 75 4.23 50.91 5.28
C LYS B 75 5.73 51.04 5.34
N ASN B 76 6.46 49.93 5.56
CA ASN B 76 7.92 49.94 5.67
C ASN B 76 8.40 50.86 6.78
N THR B 77 7.67 50.85 7.91
CA THR B 77 8.04 51.63 9.07
C THR B 77 8.09 50.74 10.31
N VAL B 78 8.96 51.11 11.24
CA VAL B 78 9.02 50.49 12.57
C VAL B 78 9.05 51.59 13.61
N SER B 79 8.31 51.39 14.70
CA SER B 79 8.14 52.41 15.72
C SER B 79 8.49 51.85 17.09
N LEU B 80 9.07 52.71 17.93
CA LEU B 80 9.45 52.36 19.29
C LEU B 80 8.72 53.28 20.25
N GLN B 81 7.78 52.72 21.01
CA GLN B 81 6.92 53.51 21.89
C GLN B 81 7.72 53.91 23.14
N MET B 82 7.28 54.98 23.79
CA MET B 82 7.93 55.42 25.03
C MET B 82 7.05 55.09 26.24
N ASP B 83 7.67 54.47 27.23
CA ASP B 83 6.96 54.09 28.45
C ASP B 83 7.80 54.47 29.65
N SER B 84 7.30 55.43 30.43
CA SER B 84 7.95 55.87 31.67
C SER B 84 9.41 56.25 31.43
N LEU B 85 9.59 57.30 30.63
CA LEU B 85 10.93 57.75 30.30
C LEU B 85 11.64 58.32 31.53
N LYS B 86 12.96 58.21 31.52
CA LYS B 86 13.82 58.61 32.62
C LYS B 86 14.81 59.67 32.17
N PRO B 87 15.32 60.49 33.10
CA PRO B 87 16.28 61.54 32.71
C PRO B 87 17.57 60.98 32.13
N GLU B 88 17.94 59.73 32.42
CA GLU B 88 19.16 59.18 31.87
C GLU B 88 19.04 58.89 30.37
N ASP B 89 17.84 58.86 29.83
CA ASP B 89 17.63 58.57 28.41
C ASP B 89 17.51 59.86 27.61
N THR B 90 18.58 60.66 27.67
CA THR B 90 18.67 61.91 26.92
C THR B 90 19.49 61.76 25.65
N ALA B 91 19.62 60.54 25.13
CA ALA B 91 20.48 60.26 23.99
C ALA B 91 19.73 60.43 22.67
N VAL B 92 20.50 60.56 21.60
CA VAL B 92 19.93 60.73 20.27
C VAL B 92 19.62 59.35 19.69
N TYR B 93 18.39 59.16 19.25
CA TYR B 93 17.93 57.85 18.80
C TYR B 93 18.21 57.69 17.32
N TYR B 94 18.86 56.58 16.95
CA TYR B 94 19.15 56.24 15.57
C TYR B 94 18.43 54.95 15.19
N CYS B 95 18.24 54.77 13.89
CA CYS B 95 17.59 53.58 13.33
C CYS B 95 18.61 52.79 12.51
N ALA B 96 18.64 51.48 12.73
CA ALA B 96 19.59 50.60 12.06
C ALA B 96 18.86 49.47 11.37
N ALA B 97 19.39 49.04 10.22
CA ALA B 97 18.79 47.96 9.46
C ALA B 97 19.89 47.05 8.94
N ARG B 98 19.55 45.77 8.75
CA ARG B 98 20.47 44.80 8.20
C ARG B 98 19.68 43.63 7.65
N ARG B 99 20.30 42.90 6.72
CA ARG B 99 19.70 41.71 6.12
C ARG B 99 20.43 40.44 6.55
N TYR B 100 21.73 40.36 6.30
CA TYR B 100 22.52 39.20 6.68
C TYR B 100 23.34 39.51 7.92
N GLY B 101 23.31 38.60 8.89
CA GLY B 101 24.03 38.81 10.12
C GLY B 101 24.34 37.51 10.81
N GLY B 102 24.84 37.62 12.03
CA GLY B 102 25.23 36.48 12.83
C GLY B 102 24.57 36.52 14.20
N THR B 103 25.29 36.03 15.20
CA THR B 103 24.77 35.96 16.56
C THR B 103 25.08 37.20 17.38
N ASP B 104 25.38 38.32 16.73
CA ASP B 104 25.63 39.60 17.41
C ASP B 104 24.68 40.64 16.85
N TYR B 105 23.68 41.02 17.64
CA TYR B 105 22.71 42.03 17.25
C TYR B 105 22.74 43.26 18.15
N THR B 106 23.63 43.30 19.14
CA THR B 106 23.72 44.42 20.07
C THR B 106 24.90 45.33 19.78
N THR B 107 25.67 45.07 18.73
CA THR B 107 26.82 45.89 18.39
C THR B 107 26.52 46.78 17.19
N THR B 108 27.22 47.92 17.13
CA THR B 108 26.97 48.88 16.06
C THR B 108 27.53 48.40 14.72
N GLY B 109 28.60 47.60 14.74
CA GLY B 109 29.20 47.14 13.52
C GLY B 109 28.46 46.02 12.82
N SER B 110 27.47 45.42 13.48
CA SER B 110 26.71 44.34 12.85
C SER B 110 25.81 44.87 11.75
N TYR B 111 25.16 46.01 11.98
CA TYR B 111 24.28 46.61 10.99
C TYR B 111 25.07 47.49 10.03
N ASP B 112 24.60 47.55 8.79
CA ASP B 112 25.29 48.30 7.74
C ASP B 112 24.45 49.42 7.16
N TYR B 113 23.24 49.64 7.63
CA TYR B 113 22.38 50.72 7.17
C TYR B 113 21.90 51.54 8.36
N TRP B 114 22.11 52.85 8.29
CA TRP B 114 21.72 53.76 9.36
C TRP B 114 21.05 54.99 8.75
N GLY B 115 20.23 55.65 9.56
CA GLY B 115 19.55 56.87 9.17
C GLY B 115 20.25 58.10 9.70
N GLN B 116 19.47 59.15 9.93
CA GLN B 116 19.98 60.41 10.47
C GLN B 116 19.79 60.51 11.98
N GLY B 117 18.58 60.30 12.46
CA GLY B 117 18.29 60.30 13.88
C GLY B 117 17.51 61.53 14.30
N THR B 118 17.14 61.53 15.59
CA THR B 118 16.40 62.63 16.18
C THR B 118 16.70 62.67 17.66
N GLN B 119 16.54 63.86 18.25
CA GLN B 119 16.77 64.06 19.67
C GLN B 119 15.56 63.57 20.47
N VAL B 120 15.64 63.74 21.79
CA VAL B 120 14.55 63.42 22.70
C VAL B 120 14.18 64.61 23.58
N THR B 121 15.19 65.23 24.21
CA THR B 121 15.00 66.39 25.07
C THR B 121 14.01 66.11 26.20
N VAL B 122 14.42 65.18 27.07
CA VAL B 122 13.60 64.79 28.20
C VAL B 122 14.23 65.24 29.51
N GLN C 1 7.01 -35.02 -15.05
CA GLN C 1 8.35 -35.58 -15.16
C GLN C 1 8.91 -35.93 -13.78
N VAL C 2 8.60 -37.14 -13.31
CA VAL C 2 9.06 -37.63 -12.02
C VAL C 2 9.40 -39.10 -12.18
N GLN C 3 10.53 -39.51 -11.59
CA GLN C 3 10.98 -40.90 -11.63
C GLN C 3 10.94 -41.47 -10.23
N LEU C 4 10.17 -42.54 -10.03
CA LEU C 4 9.98 -43.13 -8.72
C LEU C 4 10.77 -44.43 -8.63
N VAL C 5 11.57 -44.56 -7.57
CA VAL C 5 12.35 -45.78 -7.32
C VAL C 5 12.09 -46.20 -5.89
N GLU C 6 11.63 -47.43 -5.70
CA GLU C 6 11.33 -47.96 -4.38
C GLU C 6 12.29 -49.10 -4.05
N SER C 7 12.67 -49.18 -2.78
CA SER C 7 13.58 -50.20 -2.28
C SER C 7 12.89 -51.03 -1.21
N GLY C 8 13.60 -52.04 -0.73
CA GLY C 8 13.06 -52.92 0.30
C GLY C 8 12.61 -54.27 -0.25
N LEU C 18 9.46 -55.49 8.01
CA LEU C 18 9.74 -54.92 6.69
C LEU C 18 9.19 -53.50 6.59
N ARG C 19 9.95 -52.63 5.94
CA ARG C 19 9.56 -51.22 5.78
C ARG C 19 10.01 -50.77 4.40
N LEU C 20 9.08 -50.74 3.44
CA LEU C 20 9.39 -50.27 2.10
C LEU C 20 9.49 -48.75 2.09
N ALA C 21 10.34 -48.24 1.20
CA ALA C 21 10.54 -46.80 1.07
C ALA C 21 10.80 -46.45 -0.39
N CYS C 22 10.13 -45.42 -0.87
CA CYS C 22 10.23 -44.98 -2.25
C CYS C 22 10.69 -43.53 -2.32
N ALA C 23 11.68 -43.26 -3.16
CA ALA C 23 12.16 -41.91 -3.42
C ALA C 23 11.77 -41.52 -4.84
N ALA C 24 11.21 -40.32 -4.98
CA ALA C 24 10.74 -39.83 -6.27
C ALA C 24 11.58 -38.62 -6.66
N SER C 25 12.46 -38.81 -7.64
CA SER C 25 13.25 -37.70 -8.16
C SER C 25 12.40 -36.86 -9.11
N GLY C 26 12.55 -35.56 -9.01
CA GLY C 26 11.76 -34.60 -9.75
C GLY C 26 10.90 -33.75 -8.84
N ARG C 27 10.29 -32.74 -9.44
CA ARG C 27 9.44 -31.82 -8.69
C ARG C 27 8.09 -32.47 -8.44
N ILE C 28 7.67 -32.47 -7.17
CA ILE C 28 6.37 -32.99 -6.77
C ILE C 28 5.58 -31.84 -6.17
N PHE C 29 4.50 -31.46 -6.83
CA PHE C 29 3.64 -30.41 -6.32
C PHE C 29 2.83 -30.94 -5.14
N SER C 30 2.44 -30.03 -4.25
CA SER C 30 1.73 -30.43 -3.04
C SER C 30 0.36 -31.02 -3.32
N SER C 31 -0.16 -30.85 -4.53
CA SER C 31 -1.47 -31.38 -4.89
C SER C 31 -1.41 -32.75 -5.55
N ASP C 32 -0.22 -33.31 -5.77
CA ASP C 32 -0.10 -34.65 -6.31
C ASP C 32 -0.54 -35.66 -5.25
N THR C 33 -1.08 -36.78 -5.70
CA THR C 33 -1.48 -37.86 -4.80
C THR C 33 -0.67 -39.12 -5.11
N LEU C 34 0.04 -39.63 -4.11
CA LEU C 34 0.88 -40.80 -4.25
C LEU C 34 0.21 -42.00 -3.60
N ALA C 35 0.32 -43.14 -4.26
CA ALA C 35 -0.34 -44.36 -3.81
C ALA C 35 0.63 -45.53 -3.87
N TRP C 36 0.35 -46.52 -3.02
CA TRP C 36 1.03 -47.81 -3.05
C TRP C 36 0.03 -48.87 -3.49
N PHE C 37 0.41 -49.67 -4.47
CA PHE C 37 -0.39 -50.76 -4.99
C PHE C 37 0.34 -52.07 -4.82
N ARG C 38 -0.41 -53.16 -4.82
CA ARG C 38 0.15 -54.51 -4.77
C ARG C 38 -0.36 -55.31 -5.97
N ARG C 39 0.55 -56.05 -6.60
CA ARG C 39 0.23 -56.93 -7.72
C ARG C 39 0.36 -58.36 -7.25
N ALA C 40 -0.76 -59.08 -7.24
CA ALA C 40 -0.75 -60.49 -6.88
C ALA C 40 -0.05 -61.29 -7.97
N PRO C 41 0.40 -62.52 -7.66
CA PRO C 41 1.22 -63.25 -8.64
C PRO C 41 0.46 -63.65 -9.90
N GLY C 42 0.22 -62.67 -10.78
CA GLY C 42 -0.21 -62.95 -12.13
C GLY C 42 -1.68 -62.77 -12.43
N LYS C 43 -2.43 -62.02 -11.61
CA LYS C 43 -3.83 -61.76 -11.91
C LYS C 43 -4.10 -60.28 -12.20
N GLU C 44 -3.80 -59.39 -11.25
CA GLU C 44 -4.07 -57.96 -11.40
C GLU C 44 -3.51 -57.24 -10.19
N ARG C 45 -3.28 -55.93 -10.38
CA ARG C 45 -2.87 -55.08 -9.27
C ARG C 45 -4.03 -54.85 -8.32
N GLU C 46 -3.68 -54.65 -7.04
CA GLU C 46 -4.66 -54.34 -6.00
C GLU C 46 -4.23 -53.08 -5.26
N PHE C 47 -5.21 -52.34 -4.78
CA PHE C 47 -4.95 -51.11 -4.04
C PHE C 47 -4.44 -51.43 -2.64
N VAL C 48 -3.51 -50.60 -2.16
CA VAL C 48 -3.00 -50.73 -0.80
C VAL C 48 -3.24 -49.44 -0.03
N ALA C 49 -2.70 -48.33 -0.52
CA ALA C 49 -2.85 -47.08 0.22
C ALA C 49 -2.69 -45.90 -0.74
N ALA C 50 -3.10 -44.72 -0.27
CA ALA C 50 -2.90 -43.49 -1.02
C ALA C 50 -2.97 -42.30 -0.07
N SER C 51 -2.38 -41.19 -0.50
CA SER C 51 -2.40 -39.94 0.25
C SER C 51 -1.81 -38.85 -0.62
N ARG C 52 -2.28 -37.63 -0.40
CA ARG C 52 -1.73 -36.48 -1.10
C ARG C 52 -0.38 -36.11 -0.48
N TRP C 53 0.25 -35.07 -1.04
CA TRP C 53 1.52 -34.58 -0.54
C TRP C 53 1.36 -33.63 0.64
N SER C 54 0.14 -33.50 1.19
CA SER C 54 -0.10 -32.62 2.32
C SER C 54 -0.94 -33.24 3.43
N GLY C 55 -1.60 -34.36 3.19
CA GLY C 55 -2.38 -35.01 4.23
C GLY C 55 -3.56 -35.74 3.64
N GLY C 56 -4.45 -36.19 4.52
CA GLY C 56 -5.63 -36.92 4.12
C GLY C 56 -5.35 -38.27 3.47
N GLY C 57 -4.81 -39.20 4.25
CA GLY C 57 -4.48 -40.50 3.72
C GLY C 57 -5.66 -41.46 3.73
N THR C 58 -5.65 -42.39 2.78
CA THR C 58 -6.68 -43.40 2.63
C THR C 58 -6.03 -44.77 2.54
N ASP C 59 -6.72 -45.78 3.06
CA ASP C 59 -6.20 -47.14 3.11
C ASP C 59 -7.26 -48.11 2.62
N TYR C 60 -6.81 -49.30 2.24
CA TYR C 60 -7.68 -50.36 1.75
C TYR C 60 -8.48 -50.96 2.92
N ASP C 61 -9.50 -51.75 2.58
CA ASP C 61 -10.31 -52.37 3.62
C ASP C 61 -9.49 -53.40 4.42
N SER C 62 -8.75 -54.27 3.72
CA SER C 62 -7.91 -55.25 4.41
C SER C 62 -6.79 -54.56 5.18
N VAL C 63 -6.17 -53.55 4.59
CA VAL C 63 -5.06 -52.82 5.21
C VAL C 63 -5.65 -51.63 5.95
N LYS C 64 -5.90 -51.80 7.25
CA LYS C 64 -6.48 -50.73 8.06
C LYS C 64 -5.85 -50.77 9.44
N GLY C 65 -4.97 -49.81 9.72
CA GLY C 65 -4.32 -49.67 11.00
C GLY C 65 -3.03 -50.47 11.14
N ARG C 66 -2.77 -51.41 10.24
CA ARG C 66 -1.55 -52.19 10.34
C ARG C 66 -0.40 -51.54 9.57
N PHE C 67 -0.69 -50.97 8.40
CA PHE C 67 0.30 -50.28 7.60
C PHE C 67 0.07 -48.78 7.70
N THR C 68 1.12 -48.04 8.05
CA THR C 68 1.04 -46.60 8.25
C THR C 68 1.75 -45.89 7.10
N PHE C 69 1.10 -44.87 6.56
CA PHE C 69 1.66 -44.08 5.47
C PHE C 69 2.41 -42.88 6.03
N SER C 70 3.66 -42.70 5.58
CA SER C 70 4.49 -41.59 6.03
C SER C 70 5.22 -41.00 4.84
N ARG C 71 5.26 -39.68 4.78
CA ARG C 71 5.98 -38.96 3.73
C ARG C 71 6.93 -37.96 4.36
N ASP C 72 8.09 -37.78 3.73
CA ASP C 72 9.08 -36.87 4.28
C ASP C 72 8.65 -35.41 4.10
N ASN C 73 8.15 -35.06 2.92
CA ASN C 73 7.70 -33.73 2.53
C ASN C 73 8.85 -32.74 2.40
N THR C 74 10.08 -33.15 2.70
CA THR C 74 11.25 -32.28 2.57
C THR C 74 12.33 -32.85 1.67
N PHE C 75 12.40 -34.17 1.52
CA PHE C 75 13.39 -34.82 0.67
C PHE C 75 12.76 -35.61 -0.47
N ASN C 76 11.45 -35.44 -0.70
CA ASN C 76 10.73 -36.14 -1.77
C ASN C 76 10.85 -37.66 -1.63
N THR C 77 10.76 -38.16 -0.40
CA THR C 77 10.76 -39.58 -0.12
C THR C 77 9.54 -39.93 0.73
N MET C 78 9.21 -41.21 0.73
CA MET C 78 8.08 -41.72 1.51
C MET C 78 8.39 -43.15 1.93
N CYS C 79 7.66 -43.64 2.93
CA CYS C 79 7.87 -44.98 3.43
C CYS C 79 6.54 -45.61 3.84
N LEU C 80 6.51 -46.93 3.82
CA LEU C 80 5.38 -47.71 4.29
C LEU C 80 5.88 -48.73 5.30
N GLU C 81 5.14 -48.90 6.39
CA GLU C 81 5.53 -49.77 7.49
C GLU C 81 4.65 -51.01 7.50
N MET C 82 5.28 -52.18 7.49
CA MET C 82 4.57 -53.46 7.58
C MET C 82 4.64 -53.93 9.02
N ASN C 83 3.83 -53.30 9.87
CA ASN C 83 3.83 -53.62 11.29
C ASN C 83 3.16 -54.95 11.60
N SER C 84 2.27 -55.42 10.73
CA SER C 84 1.57 -56.69 10.93
C SER C 84 1.57 -57.49 9.64
N LEU C 85 2.72 -57.59 8.98
CA LEU C 85 2.82 -58.32 7.73
C LEU C 85 2.58 -59.81 7.97
N LYS C 86 1.94 -60.45 7.00
CA LYS C 86 1.62 -61.87 7.04
C LYS C 86 1.82 -62.45 5.66
N PRO C 87 2.01 -63.78 5.56
CA PRO C 87 2.13 -64.39 4.23
C PRO C 87 0.90 -64.22 3.37
N GLU C 88 -0.26 -63.90 3.96
CA GLU C 88 -1.48 -63.70 3.18
C GLU C 88 -1.32 -62.54 2.19
N ASP C 89 -0.78 -61.43 2.65
CA ASP C 89 -0.61 -60.24 1.81
C ASP C 89 0.81 -60.16 1.25
N THR C 90 1.10 -61.08 0.33
CA THR C 90 2.35 -61.07 -0.41
C THR C 90 2.05 -60.72 -1.86
N ALA C 91 2.88 -59.86 -2.44
CA ALA C 91 2.65 -59.33 -3.78
C ALA C 91 3.88 -58.53 -4.19
N VAL C 92 3.82 -57.97 -5.40
CA VAL C 92 4.84 -57.05 -5.88
C VAL C 92 4.34 -55.64 -5.65
N TYR C 93 5.10 -54.86 -4.89
CA TYR C 93 4.65 -53.53 -4.46
C TYR C 93 5.11 -52.46 -5.47
N TYR C 94 4.17 -51.62 -5.87
CA TYR C 94 4.42 -50.51 -6.79
C TYR C 94 4.08 -49.20 -6.11
N CYS C 95 4.85 -48.17 -6.43
CA CYS C 95 4.58 -46.81 -5.97
C CYS C 95 4.21 -45.97 -7.18
N ALA C 96 3.12 -45.21 -7.07
CA ALA C 96 2.59 -44.46 -8.21
C ALA C 96 2.28 -43.04 -7.80
N LEU C 97 2.41 -42.14 -8.78
CA LEU C 97 2.05 -40.74 -8.65
C LEU C 97 0.85 -40.45 -9.55
N ARG C 98 -0.08 -39.65 -9.05
CA ARG C 98 -1.15 -39.11 -9.88
C ARG C 98 -1.15 -37.61 -9.71
N THR C 99 -0.85 -36.90 -10.79
CA THR C 99 -0.90 -35.45 -10.77
C THR C 99 -2.33 -34.96 -10.87
N ALA C 100 -2.60 -33.82 -10.26
CA ALA C 100 -3.87 -33.14 -10.49
C ALA C 100 -3.75 -32.20 -11.68
N ARG C 101 -3.23 -32.75 -12.77
CA ARG C 101 -3.04 -32.02 -14.01
C ARG C 101 -4.25 -32.09 -14.92
N ASP C 102 -5.02 -33.18 -14.84
CA ASP C 102 -6.20 -33.38 -15.65
C ASP C 102 -7.48 -33.26 -14.83
N SER C 103 -7.46 -33.70 -13.58
CA SER C 103 -8.63 -33.63 -12.72
C SER C 103 -8.18 -33.69 -11.27
N TYR C 104 -8.91 -33.00 -10.40
CA TYR C 104 -8.65 -33.02 -8.98
C TYR C 104 -9.36 -34.15 -8.25
N TYR C 105 -10.10 -34.99 -8.98
CA TYR C 105 -10.85 -36.07 -8.37
C TYR C 105 -9.91 -37.20 -7.99
N TYR C 106 -9.70 -37.39 -6.69
CA TYR C 106 -8.88 -38.50 -6.22
C TYR C 106 -9.61 -39.81 -6.50
N THR C 107 -8.92 -40.74 -7.17
CA THR C 107 -9.54 -41.98 -7.60
C THR C 107 -8.74 -43.18 -7.10
N ARG C 108 -9.43 -44.31 -6.98
CA ARG C 108 -8.83 -45.56 -6.54
C ARG C 108 -8.44 -46.45 -7.71
N ASN C 109 -8.37 -45.90 -8.92
CA ASN C 109 -8.14 -46.67 -10.13
C ASN C 109 -6.69 -46.57 -10.55
N PRO C 110 -5.98 -47.70 -10.71
CA PRO C 110 -4.59 -47.64 -11.15
C PRO C 110 -4.42 -47.06 -12.55
N THR C 111 -5.47 -47.05 -13.37
CA THR C 111 -5.37 -46.47 -14.69
C THR C 111 -5.19 -44.96 -14.63
N GLY C 112 -5.72 -44.31 -13.60
CA GLY C 112 -5.59 -42.87 -13.46
C GLY C 112 -4.17 -42.40 -13.17
N TYR C 113 -3.38 -43.23 -12.52
CA TYR C 113 -2.00 -42.87 -12.20
C TYR C 113 -1.13 -43.03 -13.45
N ASP C 114 -0.31 -42.02 -13.74
CA ASP C 114 0.47 -42.00 -14.95
C ASP C 114 1.97 -42.17 -14.74
N TYR C 115 2.46 -42.05 -13.51
CA TYR C 115 3.86 -42.28 -13.18
C TYR C 115 3.95 -43.46 -12.23
N TRP C 116 4.77 -44.45 -12.59
CA TRP C 116 4.89 -45.67 -11.81
C TRP C 116 6.35 -45.98 -11.55
N GLY C 117 6.62 -46.58 -10.39
CA GLY C 117 7.93 -47.07 -10.05
C GLY C 117 8.07 -48.56 -10.35
N GLN C 118 9.30 -49.03 -10.28
CA GLN C 118 9.58 -50.44 -10.53
C GLN C 118 9.06 -51.29 -9.37
N GLY C 119 8.54 -52.47 -9.71
CA GLY C 119 8.00 -53.36 -8.69
C GLY C 119 9.08 -53.88 -7.76
N THR C 120 8.68 -54.13 -6.51
CA THR C 120 9.59 -54.61 -5.48
C THR C 120 9.05 -55.90 -4.89
N GLN C 121 9.96 -56.81 -4.56
CA GLN C 121 9.62 -58.11 -3.95
C GLN C 121 8.60 -58.87 -4.79
#